data_4IJR
#
_entry.id   4IJR
#
_cell.length_a   54.369
_cell.length_b   90.568
_cell.length_c   69.823
_cell.angle_alpha   90.00
_cell.angle_beta   90.08
_cell.angle_gamma   90.00
#
_symmetry.space_group_name_H-M   'P 1 21 1'
#
loop_
_entity.id
_entity.type
_entity.pdbx_description
1 polymer 'D-arabinose dehydrogenase [NAD(P)+] heavy chain'
2 non-polymer 'NADPH DIHYDRO-NICOTINAMIDE-ADENINE-DINUCLEOTIDE PHOSPHATE'
3 water water
#
_entity_poly.entity_id   1
_entity_poly.type   'polypeptide(L)'
_entity_poly.pdbx_seq_one_letter_code
;MSSSVASTENIVENMLHPKTTEIYFSLNNGVRIPALGLGTANPHEKLAETKQAVKAAIKAGYRHIDTAWAYETEPFVGEA
IKELLEDGSIKREDLFITTKVWPVLWDEVDRSLNESLKALGLEYVDLLLQHWPLCFEKIKDPKGISGLVKTPVDDSGKTM
YAADGDYLETYKQLEKIYLDPNDHRVRAIGVSNFSIEYLERLIKECRVKPTVNQVETHPHLPQMELRKFCFMHDILLTAY
SPLGSHGAPNLKIPLVKKLAEKYNVTGNDLLISYHIRQGTIVIPRSLNPVRISSSIEFASLTKDELQELNDFGEKYPVRF
IDEPFAAILPEFTGNGPNLDNLKY
;
_entity_poly.pdbx_strand_id   A,C
#
# COMPACT_ATOMS: atom_id res chain seq x y z
N MET A 15 -8.92 -11.51 9.64
CA MET A 15 -7.89 -11.43 10.72
C MET A 15 -7.21 -10.05 10.78
N LEU A 16 -5.92 -10.00 11.14
CA LEU A 16 -5.23 -8.75 11.47
C LEU A 16 -4.44 -8.18 10.32
N HIS A 17 -4.39 -6.84 10.25
CA HIS A 17 -3.77 -6.12 9.17
C HIS A 17 -2.85 -5.02 9.72
N PRO A 18 -1.95 -4.45 8.87
CA PRO A 18 -1.73 -4.88 7.50
C PRO A 18 -1.05 -6.22 7.45
N LYS A 19 -1.30 -6.98 6.39
CA LYS A 19 -0.40 -8.04 5.96
C LYS A 19 0.80 -7.34 5.36
N THR A 20 1.94 -8.03 5.23
CA THR A 20 3.12 -7.36 4.66
C THR A 20 2.97 -7.10 3.14
N THR A 21 2.01 -7.82 2.52
CA THR A 21 1.56 -7.65 1.12
C THR A 21 0.77 -6.36 0.92
N GLU A 22 0.36 -5.76 2.03
CA GLU A 22 -0.45 -4.56 1.99
C GLU A 22 0.30 -3.26 2.22
N ILE A 23 1.62 -3.33 2.21
CA ILE A 23 2.41 -2.15 2.57
C ILE A 23 3.21 -1.70 1.39
N TYR A 24 3.15 -0.39 1.16
CA TYR A 24 3.73 0.27 0.01
C TYR A 24 4.58 1.46 0.43
N PHE A 25 5.83 1.50 -0.02
CA PHE A 25 6.72 2.63 0.26
C PHE A 25 6.80 3.49 -0.98
N SER A 26 7.26 4.74 -0.84
CA SER A 26 7.30 5.67 -1.97
C SER A 26 8.73 5.92 -2.39
N LEU A 27 9.03 5.74 -3.68
CA LEU A 27 10.38 6.02 -4.18
C LEU A 27 10.53 7.54 -4.35
N ASN A 28 11.76 8.00 -4.55
CA ASN A 28 12.03 9.42 -4.59
C ASN A 28 11.52 10.11 -5.88
N ASN A 29 11.03 9.30 -6.83
CA ASN A 29 10.35 9.86 -8.00
C ASN A 29 8.82 9.79 -7.89
N GLY A 30 8.32 9.50 -6.69
CA GLY A 30 6.87 9.44 -6.40
C GLY A 30 6.18 8.10 -6.70
N VAL A 31 6.93 7.20 -7.33
CA VAL A 31 6.42 5.86 -7.69
C VAL A 31 6.33 4.98 -6.45
N ARG A 32 5.20 4.29 -6.29
CA ARG A 32 5.06 3.37 -5.13
C ARG A 32 5.59 1.95 -5.37
N ILE A 33 6.23 1.35 -4.35
CA ILE A 33 6.78 0.01 -4.44
C ILE A 33 6.23 -0.86 -3.31
N PRO A 34 5.82 -2.11 -3.61
CA PRO A 34 5.37 -2.92 -2.50
C PRO A 34 6.55 -3.23 -1.58
N ALA A 35 6.35 -3.01 -0.29
CA ALA A 35 7.43 -3.24 0.67
C ALA A 35 7.95 -4.68 0.61
N LEU A 36 7.06 -5.63 0.31
CA LEU A 36 7.42 -7.05 0.31
C LEU A 36 7.49 -7.56 -1.14
N GLY A 37 8.61 -8.17 -1.51
CA GLY A 37 8.76 -8.73 -2.85
C GLY A 37 9.20 -10.18 -2.83
N LEU A 38 9.01 -10.87 -3.95
CA LEU A 38 9.49 -12.26 -4.02
C LEU A 38 10.88 -12.30 -4.66
N GLY A 39 11.83 -12.89 -3.96
CA GLY A 39 13.18 -13.05 -4.52
C GLY A 39 13.23 -14.29 -5.39
N THR A 40 13.98 -14.22 -6.49
CA THR A 40 14.01 -15.31 -7.47
C THR A 40 15.41 -15.74 -7.91
N ALA A 41 16.43 -15.55 -7.04
CA ALA A 41 17.78 -16.05 -7.34
C ALA A 41 17.88 -17.53 -6.95
N ASN A 42 17.13 -18.36 -7.67
CA ASN A 42 16.98 -19.77 -7.31
C ASN A 42 18.08 -20.64 -7.89
N PRO A 43 18.38 -21.78 -7.23
CA PRO A 43 19.44 -22.68 -7.72
C PRO A 43 19.23 -23.09 -9.18
N HIS A 44 20.34 -23.18 -9.91
CA HIS A 44 20.34 -23.57 -11.32
C HIS A 44 19.56 -24.86 -11.56
N GLU A 45 19.61 -25.75 -10.57
CA GLU A 45 18.90 -27.04 -10.63
C GLU A 45 17.38 -26.90 -10.61
N LYS A 46 16.88 -25.75 -10.16
CA LYS A 46 15.45 -25.54 -9.89
C LYS A 46 14.85 -24.29 -10.57
N LEU A 47 15.53 -23.79 -11.59
CA LEU A 47 15.13 -22.57 -12.30
C LEU A 47 13.64 -22.59 -12.73
N ALA A 48 13.17 -23.76 -13.16
CA ALA A 48 11.79 -23.93 -13.61
C ALA A 48 10.76 -23.82 -12.47
N GLU A 49 11.15 -24.19 -11.26
CA GLU A 49 10.25 -24.13 -10.11
C GLU A 49 9.87 -22.69 -9.72
N THR A 50 10.63 -21.71 -10.22
CA THR A 50 10.33 -20.27 -10.01
C THR A 50 8.90 -19.91 -10.45
N LYS A 51 8.47 -20.49 -11.57
CA LYS A 51 7.19 -20.17 -12.16
C LYS A 51 6.05 -20.38 -11.15
N GLN A 52 5.99 -21.57 -10.57
CA GLN A 52 4.96 -21.86 -9.56
C GLN A 52 5.10 -21.00 -8.30
N ALA A 53 6.32 -20.65 -7.92
CA ALA A 53 6.57 -19.82 -6.74
C ALA A 53 6.02 -18.42 -6.96
N VAL A 54 6.25 -17.87 -8.15
CA VAL A 54 5.73 -16.55 -8.51
C VAL A 54 4.19 -16.58 -8.53
N LYS A 55 3.62 -17.58 -9.21
CA LYS A 55 2.16 -17.72 -9.25
C LYS A 55 1.59 -17.77 -7.83
N ALA A 56 2.19 -18.59 -6.99
CA ALA A 56 1.75 -18.70 -5.59
C ALA A 56 1.90 -17.39 -4.83
N ALA A 57 2.97 -16.64 -5.09
CA ALA A 57 3.20 -15.37 -4.39
C ALA A 57 2.11 -14.36 -4.72
N ILE A 58 1.83 -14.23 -6.00
CA ILE A 58 0.86 -13.26 -6.45
C ILE A 58 -0.55 -13.61 -5.98
N LYS A 59 -0.89 -14.89 -5.99
CA LYS A 59 -2.21 -15.28 -5.58
C LYS A 59 -2.39 -15.06 -4.07
N ALA A 60 -1.30 -15.09 -3.32
CA ALA A 60 -1.33 -14.84 -1.87
C ALA A 60 -1.27 -13.34 -1.59
N GLY A 61 -1.08 -12.53 -2.64
CA GLY A 61 -1.10 -11.06 -2.49
C GLY A 61 0.18 -10.28 -2.74
N TYR A 62 1.29 -10.94 -3.10
CA TYR A 62 2.53 -10.24 -3.37
C TYR A 62 2.27 -9.47 -4.66
N ARG A 63 2.85 -8.30 -4.78
CA ARG A 63 2.65 -7.48 -5.99
C ARG A 63 3.98 -6.96 -6.47
N HIS A 64 5.03 -7.59 -5.95
CA HIS A 64 6.40 -7.21 -6.25
C HIS A 64 7.26 -8.48 -6.47
N ILE A 65 7.89 -8.57 -7.65
CA ILE A 65 8.80 -9.68 -7.98
C ILE A 65 10.19 -9.13 -8.24
N ASP A 66 11.18 -9.67 -7.53
CA ASP A 66 12.58 -9.28 -7.79
C ASP A 66 13.34 -10.31 -8.62
N THR A 67 13.87 -9.88 -9.76
CA THR A 67 14.64 -10.82 -10.60
C THR A 67 15.89 -10.15 -11.16
N ALA A 68 16.62 -10.82 -12.04
CA ALA A 68 17.84 -10.22 -12.60
C ALA A 68 18.22 -10.99 -13.83
N TRP A 69 18.90 -10.29 -14.74
CA TRP A 69 19.48 -10.91 -15.93
C TRP A 69 20.33 -12.13 -15.57
N ALA A 70 21.15 -12.01 -14.53
CA ALA A 70 22.07 -13.09 -14.13
C ALA A 70 21.44 -14.33 -13.48
N TYR A 71 20.20 -14.23 -13.03
CA TYR A 71 19.57 -15.36 -12.29
C TYR A 71 19.17 -16.53 -13.15
N GLU A 72 18.92 -16.25 -14.43
CA GLU A 72 18.34 -17.22 -15.37
C GLU A 72 16.89 -17.58 -15.04
N THR A 73 16.23 -16.78 -14.19
CA THR A 73 14.84 -17.06 -13.81
C THR A 73 13.82 -16.14 -14.47
N GLU A 74 14.30 -15.07 -15.10
CA GLU A 74 13.42 -14.19 -15.88
C GLU A 74 12.39 -14.92 -16.76
N PRO A 75 12.80 -15.96 -17.55
CA PRO A 75 11.77 -16.59 -18.42
C PRO A 75 10.64 -17.25 -17.64
N PHE A 76 10.94 -17.71 -16.43
CA PHE A 76 9.98 -18.42 -15.59
C PHE A 76 9.13 -17.45 -14.78
N VAL A 77 9.70 -16.29 -14.45
CA VAL A 77 8.90 -15.20 -13.91
C VAL A 77 7.94 -14.73 -15.02
N GLY A 78 8.44 -14.59 -16.23
CA GLY A 78 7.60 -14.13 -17.34
C GLY A 78 6.44 -15.08 -17.63
N GLU A 79 6.71 -16.37 -17.65
CA GLU A 79 5.69 -17.40 -17.88
C GLU A 79 4.60 -17.39 -16.78
N ALA A 80 5.02 -17.21 -15.53
CA ALA A 80 4.06 -17.09 -14.44
C ALA A 80 3.15 -15.87 -14.60
N ILE A 81 3.74 -14.72 -14.93
CA ILE A 81 2.98 -13.49 -15.15
C ILE A 81 2.02 -13.64 -16.33
N LYS A 82 2.52 -14.15 -17.46
CA LYS A 82 1.69 -14.42 -18.64
C LYS A 82 0.43 -15.23 -18.31
N GLU A 83 0.60 -16.32 -17.56
CA GLU A 83 -0.53 -17.17 -17.17
C GLU A 83 -1.55 -16.45 -16.28
N LEU A 84 -1.07 -15.62 -15.35
CA LEU A 84 -1.98 -14.88 -14.48
C LEU A 84 -2.65 -13.72 -15.24
N LEU A 85 -1.93 -13.12 -16.18
CA LEU A 85 -2.55 -12.13 -17.06
C LEU A 85 -3.64 -12.80 -17.87
N GLU A 86 -3.32 -13.92 -18.52
CA GLU A 86 -4.28 -14.57 -19.40
C GLU A 86 -5.54 -15.09 -18.71
N ASP A 87 -5.42 -15.57 -17.48
CA ASP A 87 -6.61 -16.07 -16.79
C ASP A 87 -7.37 -15.00 -15.99
N GLY A 88 -6.92 -13.76 -16.13
CA GLY A 88 -7.54 -12.62 -15.46
C GLY A 88 -7.29 -12.53 -13.94
N SER A 89 -6.28 -13.22 -13.42
CA SER A 89 -6.00 -13.14 -11.96
C SER A 89 -5.28 -11.83 -11.57
N ILE A 90 -4.61 -11.20 -12.55
CA ILE A 90 -3.83 -10.00 -12.30
C ILE A 90 -3.77 -9.15 -13.55
N LYS A 91 -3.58 -7.85 -13.37
CA LYS A 91 -3.18 -6.97 -14.46
C LYS A 91 -1.73 -6.53 -14.30
N ARG A 92 -1.10 -6.23 -15.43
CA ARG A 92 0.29 -5.78 -15.46
C ARG A 92 0.54 -4.54 -14.58
N GLU A 93 -0.36 -3.58 -14.62
CA GLU A 93 -0.21 -2.35 -13.85
C GLU A 93 -0.32 -2.62 -12.31
N ASP A 94 -0.80 -3.80 -11.93
CA ASP A 94 -0.95 -4.18 -10.50
C ASP A 94 0.40 -4.62 -9.91
N LEU A 95 1.32 -5.02 -10.77
CA LEU A 95 2.60 -5.59 -10.39
C LEU A 95 3.79 -4.63 -10.48
N PHE A 96 4.76 -4.90 -9.63
CA PHE A 96 6.03 -4.19 -9.63
C PHE A 96 7.17 -5.20 -9.92
N ILE A 97 7.80 -5.05 -11.08
CA ILE A 97 8.87 -5.96 -11.47
C ILE A 97 10.22 -5.28 -11.49
N THR A 98 11.20 -5.86 -10.79
CA THR A 98 12.55 -5.34 -10.71
C THR A 98 13.46 -6.28 -11.44
N THR A 99 14.40 -5.75 -12.21
CA THR A 99 15.46 -6.59 -12.71
C THR A 99 16.76 -5.82 -12.68
N LYS A 100 17.85 -6.47 -13.09
CA LYS A 100 19.18 -5.93 -12.90
C LYS A 100 20.12 -6.18 -14.07
N VAL A 101 21.08 -5.27 -14.23
CA VAL A 101 22.15 -5.38 -15.23
C VAL A 101 23.41 -5.95 -14.56
N TRP A 102 23.92 -7.06 -15.12
CA TRP A 102 25.07 -7.79 -14.56
C TRP A 102 26.40 -7.16 -15.02
N PRO A 103 27.47 -7.26 -14.20
CA PRO A 103 28.76 -6.64 -14.63
C PRO A 103 29.33 -7.05 -16.00
N VAL A 104 28.90 -8.17 -16.56
CA VAL A 104 29.40 -8.54 -17.86
C VAL A 104 28.88 -7.61 -18.97
N LEU A 105 27.72 -6.98 -18.72
CA LEU A 105 27.12 -6.03 -19.67
C LEU A 105 27.13 -4.58 -19.14
N TRP A 106 28.14 -4.30 -18.32
CA TRP A 106 28.29 -3.02 -17.62
C TRP A 106 28.23 -1.83 -18.58
N ASP A 107 28.66 -2.04 -19.81
CA ASP A 107 28.71 -0.96 -20.79
C ASP A 107 27.70 -1.17 -21.91
N GLU A 108 26.80 -2.14 -21.73
CA GLU A 108 25.72 -2.41 -22.69
C GLU A 108 24.37 -2.58 -21.96
N VAL A 109 23.90 -1.49 -21.39
CA VAL A 109 22.67 -1.49 -20.57
C VAL A 109 21.44 -1.66 -21.47
N ASP A 110 21.40 -0.92 -22.56
CA ASP A 110 20.32 -1.10 -23.55
C ASP A 110 20.16 -2.59 -23.88
N ARG A 111 21.26 -3.25 -24.22
CA ARG A 111 21.23 -4.68 -24.56
C ARG A 111 20.69 -5.53 -23.41
N SER A 112 21.25 -5.36 -22.21
CA SER A 112 20.77 -6.10 -21.03
C SER A 112 19.24 -5.97 -20.80
N LEU A 113 18.75 -4.74 -20.89
CA LEU A 113 17.33 -4.47 -20.63
C LEU A 113 16.45 -5.15 -21.65
N ASN A 114 16.84 -5.03 -22.93
CA ASN A 114 16.09 -5.65 -24.00
C ASN A 114 16.11 -7.17 -23.86
N GLU A 115 17.22 -7.71 -23.37
CA GLU A 115 17.32 -9.15 -23.19
C GLU A 115 16.42 -9.59 -22.05
N SER A 116 16.43 -8.82 -20.96
CA SER A 116 15.57 -9.04 -19.80
C SER A 116 14.10 -8.91 -20.18
N LEU A 117 13.78 -7.91 -21.00
CA LEU A 117 12.41 -7.70 -21.47
C LEU A 117 11.92 -8.89 -22.30
N LYS A 118 12.77 -9.39 -23.20
CA LYS A 118 12.44 -10.55 -24.04
C LYS A 118 12.24 -11.79 -23.18
N ALA A 119 13.14 -12.03 -22.23
CA ALA A 119 12.99 -13.16 -21.33
C ALA A 119 11.70 -13.07 -20.51
N LEU A 120 11.39 -11.87 -20.00
CA LEU A 120 10.21 -11.70 -19.14
C LEU A 120 8.90 -11.64 -19.91
N GLY A 121 9.00 -11.46 -21.23
CA GLY A 121 7.79 -11.30 -22.02
C GLY A 121 7.05 -10.05 -21.65
N LEU A 122 7.79 -8.96 -21.41
CA LEU A 122 7.22 -7.71 -20.92
C LEU A 122 7.65 -6.53 -21.75
N GLU A 123 6.86 -5.47 -21.71
CA GLU A 123 7.10 -4.24 -22.46
C GLU A 123 7.92 -3.25 -21.64
N TYR A 124 7.82 -3.37 -20.31
CA TYR A 124 8.56 -2.49 -19.41
C TYR A 124 8.81 -3.23 -18.08
N VAL A 125 9.78 -2.76 -17.32
CA VAL A 125 10.00 -3.18 -15.92
C VAL A 125 9.77 -1.96 -15.05
N ASP A 126 9.47 -2.19 -13.79
CA ASP A 126 9.20 -1.06 -12.92
C ASP A 126 10.50 -0.46 -12.41
N LEU A 127 11.48 -1.31 -12.18
CA LEU A 127 12.72 -0.89 -11.59
C LEU A 127 13.87 -1.60 -12.28
N LEU A 128 14.87 -0.86 -12.74
CA LEU A 128 16.07 -1.46 -13.28
C LEU A 128 17.29 -1.06 -12.43
N LEU A 129 18.00 -2.08 -11.91
CA LEU A 129 19.16 -1.84 -11.02
C LEU A 129 20.49 -2.14 -11.69
N GLN A 130 21.52 -1.36 -11.35
CA GLN A 130 22.89 -1.80 -11.57
C GLN A 130 23.16 -2.85 -10.49
N HIS A 131 23.48 -4.09 -10.89
CA HIS A 131 23.59 -5.22 -9.96
C HIS A 131 24.80 -5.12 -9.02
N TRP A 132 25.94 -4.69 -9.54
CA TRP A 132 27.18 -4.51 -8.77
C TRP A 132 27.92 -3.31 -9.29
N PRO A 133 28.65 -2.59 -8.40
CA PRO A 133 29.56 -1.54 -8.87
C PRO A 133 30.84 -2.14 -9.51
N LEU A 134 30.67 -3.04 -10.47
CA LEU A 134 31.75 -3.84 -11.06
C LEU A 134 31.62 -3.94 -12.58
N CYS A 135 32.75 -4.16 -13.26
CA CYS A 135 32.76 -4.42 -14.70
C CYS A 135 33.55 -5.70 -15.00
N PHE A 136 32.89 -6.68 -15.62
CA PHE A 136 33.54 -7.93 -16.04
C PHE A 136 33.91 -7.91 -17.52
N GLU A 137 34.99 -8.60 -17.87
CA GLU A 137 35.32 -8.92 -19.26
C GLU A 137 34.28 -9.86 -19.86
N LYS A 138 34.00 -9.70 -21.15
CA LYS A 138 33.07 -10.55 -21.89
C LYS A 138 33.79 -11.79 -22.44
N ILE A 139 33.54 -12.93 -21.83
CA ILE A 139 34.14 -14.19 -22.27
C ILE A 139 33.05 -15.05 -22.90
N LYS A 140 33.27 -15.47 -24.13
CA LYS A 140 32.27 -16.30 -24.83
C LYS A 140 32.12 -17.70 -24.23
N ASP A 141 30.88 -18.11 -24.07
CA ASP A 141 30.52 -19.48 -23.70
C ASP A 141 29.11 -19.72 -24.27
N PRO A 142 28.96 -20.69 -25.19
CA PRO A 142 27.63 -20.92 -25.75
C PRO A 142 26.59 -21.41 -24.73
N LYS A 143 27.04 -22.05 -23.65
CA LYS A 143 26.14 -22.54 -22.61
C LYS A 143 26.05 -21.58 -21.42
N GLY A 144 26.53 -20.34 -21.62
CA GLY A 144 26.38 -19.27 -20.62
C GLY A 144 25.12 -18.47 -20.89
N ILE A 145 24.98 -17.35 -20.19
CA ILE A 145 23.81 -16.50 -20.35
C ILE A 145 24.09 -15.54 -21.50
N SER A 146 23.25 -15.61 -22.52
CA SER A 146 23.39 -14.80 -23.73
C SER A 146 24.77 -14.99 -24.38
N GLY A 147 25.26 -16.22 -24.35
CA GLY A 147 26.52 -16.58 -25.00
C GLY A 147 27.77 -16.11 -24.27
N LEU A 148 27.65 -15.85 -22.96
CA LEU A 148 28.72 -15.22 -22.20
C LEU A 148 28.92 -15.90 -20.86
N VAL A 149 30.15 -15.94 -20.37
CA VAL A 149 30.44 -16.43 -19.02
C VAL A 149 29.89 -15.41 -18.01
N LYS A 150 29.19 -15.93 -16.99
CA LYS A 150 28.57 -15.10 -15.95
C LYS A 150 29.65 -14.39 -15.12
N THR A 151 30.54 -15.18 -14.51
CA THR A 151 31.57 -14.65 -13.62
C THR A 151 32.94 -15.20 -14.04
N PRO A 152 33.58 -14.53 -15.03
CA PRO A 152 34.82 -15.04 -15.63
C PRO A 152 36.02 -15.00 -14.69
N VAL A 153 36.78 -16.09 -14.67
CA VAL A 153 38.05 -16.19 -13.94
C VAL A 153 39.17 -16.66 -14.86
N ASP A 154 40.40 -16.26 -14.58
CA ASP A 154 41.55 -16.77 -15.35
C ASP A 154 42.05 -18.12 -14.81
N ASP A 155 43.11 -18.64 -15.42
CA ASP A 155 43.70 -19.92 -15.03
C ASP A 155 44.17 -19.97 -13.57
N SER A 156 44.53 -18.81 -13.02
CA SER A 156 44.91 -18.69 -11.62
C SER A 156 43.71 -18.83 -10.68
N GLY A 157 42.52 -18.49 -11.20
CA GLY A 157 41.29 -18.61 -10.42
C GLY A 157 40.76 -17.27 -9.93
N LYS A 158 41.37 -16.18 -10.39
CA LYS A 158 40.92 -14.84 -10.04
C LYS A 158 40.02 -14.18 -11.10
N THR A 159 39.14 -13.32 -10.62
CA THR A 159 38.09 -12.72 -11.43
C THR A 159 38.65 -11.80 -12.54
N MET A 160 38.14 -11.95 -13.75
CA MET A 160 38.56 -11.10 -14.88
C MET A 160 37.70 -9.83 -14.98
N TYR A 161 38.19 -8.75 -14.35
CA TYR A 161 37.54 -7.45 -14.42
C TYR A 161 37.93 -6.75 -15.71
N ALA A 162 37.05 -5.92 -16.23
CA ALA A 162 37.40 -5.07 -17.36
C ALA A 162 38.41 -4.02 -16.91
N ALA A 163 39.62 -4.08 -17.47
CA ALA A 163 40.61 -3.03 -17.19
C ALA A 163 40.10 -1.75 -17.84
N ASP A 164 40.27 -0.63 -17.13
CA ASP A 164 39.72 0.67 -17.59
C ASP A 164 38.19 0.66 -17.76
N GLY A 165 37.52 -0.23 -17.04
CA GLY A 165 36.06 -0.17 -16.94
C GLY A 165 35.65 0.67 -15.74
N ASP A 166 34.75 1.63 -15.96
CA ASP A 166 34.22 2.43 -14.84
C ASP A 166 32.80 1.98 -14.51
N TYR A 167 32.60 1.52 -13.28
CA TYR A 167 31.30 1.01 -12.87
C TYR A 167 30.17 2.03 -13.02
N LEU A 168 30.53 3.31 -12.95
CA LEU A 168 29.56 4.40 -13.06
C LEU A 168 29.07 4.60 -14.50
N GLU A 169 29.77 4.01 -15.48
CA GLU A 169 29.28 4.04 -16.87
C GLU A 169 27.92 3.32 -16.96
N THR A 170 27.77 2.24 -16.19
CA THR A 170 26.52 1.47 -16.14
C THR A 170 25.38 2.39 -15.72
N TYR A 171 25.53 3.05 -14.57
CA TYR A 171 24.50 3.97 -14.10
C TYR A 171 24.17 5.12 -15.07
N LYS A 172 25.18 5.62 -15.79
CA LYS A 172 24.96 6.68 -16.77
C LYS A 172 24.07 6.23 -17.92
N GLN A 173 24.22 4.96 -18.29
CA GLN A 173 23.44 4.36 -19.35
C GLN A 173 22.00 4.10 -18.88
N LEU A 174 21.87 3.81 -17.60
CA LEU A 174 20.58 3.72 -16.93
C LEU A 174 19.86 5.06 -16.95
N GLU A 175 20.57 6.13 -16.63
CA GLU A 175 19.99 7.46 -16.59
C GLU A 175 19.45 7.87 -17.94
N LYS A 176 20.23 7.60 -18.98
CA LYS A 176 19.84 7.93 -20.34
C LYS A 176 18.48 7.32 -20.69
N ILE A 177 18.32 6.03 -20.44
CA ILE A 177 17.09 5.30 -20.73
C ILE A 177 15.94 5.82 -19.89
N TYR A 178 16.21 6.03 -18.60
CA TYR A 178 15.22 6.56 -17.68
C TYR A 178 14.74 7.96 -18.04
N LEU A 179 15.62 8.81 -18.57
CA LEU A 179 15.27 10.20 -18.91
C LEU A 179 14.79 10.41 -20.35
N ASP A 180 14.94 9.40 -21.20
CA ASP A 180 14.43 9.49 -22.57
C ASP A 180 12.89 9.52 -22.53
N PRO A 181 12.29 10.67 -22.93
CA PRO A 181 10.84 10.84 -22.86
C PRO A 181 10.06 9.99 -23.87
N ASN A 182 10.74 9.38 -24.83
CA ASN A 182 10.08 8.48 -25.79
C ASN A 182 10.39 7.01 -25.52
N ASP A 183 10.99 6.74 -24.36
CA ASP A 183 11.42 5.42 -23.96
C ASP A 183 10.64 5.08 -22.70
N HIS A 184 9.81 4.05 -22.77
CA HIS A 184 8.94 3.74 -21.66
C HIS A 184 9.28 2.42 -20.96
N ARG A 185 10.50 1.94 -21.17
CA ARG A 185 10.92 0.61 -20.72
C ARG A 185 11.17 0.45 -19.21
N VAL A 186 11.35 1.56 -18.50
CA VAL A 186 11.63 1.53 -17.04
C VAL A 186 10.79 2.60 -16.37
N ARG A 187 10.48 2.40 -15.09
CA ARG A 187 9.73 3.41 -14.35
C ARG A 187 10.60 4.02 -13.28
N ALA A 188 11.75 3.41 -13.03
CA ALA A 188 12.67 3.81 -11.95
C ALA A 188 14.01 3.11 -12.16
N ILE A 189 15.09 3.75 -11.72
CA ILE A 189 16.41 3.13 -11.72
C ILE A 189 16.99 3.11 -10.30
N GLY A 190 17.97 2.23 -10.09
CA GLY A 190 18.65 2.14 -8.78
C GLY A 190 19.94 1.36 -8.90
N VAL A 191 20.48 1.00 -7.75
CA VAL A 191 21.77 0.31 -7.66
C VAL A 191 21.68 -0.80 -6.62
N SER A 192 22.69 -1.64 -6.58
CA SER A 192 22.75 -2.73 -5.63
C SER A 192 24.21 -2.90 -5.23
N ASN A 193 24.44 -3.26 -3.95
CA ASN A 193 25.79 -3.45 -3.45
C ASN A 193 26.72 -2.21 -3.57
N PHE A 194 26.14 -1.01 -3.52
CA PHE A 194 26.94 0.19 -3.39
C PHE A 194 27.23 0.53 -1.90
N SER A 195 28.47 0.92 -1.63
CA SER A 195 28.88 1.45 -0.32
C SER A 195 28.51 2.93 -0.25
N ILE A 196 28.62 3.51 0.93
CA ILE A 196 28.48 4.97 1.09
C ILE A 196 29.40 5.73 0.12
N GLU A 197 30.66 5.32 0.02
CA GLU A 197 31.62 6.02 -0.82
C GLU A 197 31.24 6.00 -2.30
N TYR A 198 30.75 4.85 -2.77
CA TYR A 198 30.33 4.73 -4.15
C TYR A 198 29.07 5.54 -4.42
N LEU A 199 28.14 5.55 -3.47
CA LEU A 199 26.96 6.40 -3.56
C LEU A 199 27.30 7.89 -3.61
N GLU A 200 28.29 8.29 -2.83
CA GLU A 200 28.72 9.67 -2.81
C GLU A 200 29.29 10.07 -4.17
N ARG A 201 30.14 9.21 -4.73
CA ARG A 201 30.69 9.48 -6.05
C ARG A 201 29.56 9.60 -7.09
N LEU A 202 28.61 8.67 -7.04
CA LEU A 202 27.46 8.70 -7.96
C LEU A 202 26.68 10.02 -7.86
N ILE A 203 26.38 10.42 -6.64
CA ILE A 203 25.64 11.65 -6.36
C ILE A 203 26.40 12.90 -6.84
N LYS A 204 27.72 12.87 -6.70
CA LYS A 204 28.58 13.95 -7.17
C LYS A 204 28.59 14.04 -8.68
N GLU A 205 28.70 12.88 -9.34
CA GLU A 205 28.99 12.81 -10.76
C GLU A 205 27.76 12.61 -11.65
N CYS A 206 26.67 12.13 -11.04
CA CYS A 206 25.49 11.78 -11.83
C CYS A 206 24.33 12.71 -11.52
N ARG A 207 23.22 12.45 -12.20
CA ARG A 207 22.09 13.37 -12.23
C ARG A 207 20.89 12.79 -11.51
N VAL A 208 20.59 11.53 -11.79
CA VAL A 208 19.42 10.88 -11.21
C VAL A 208 19.77 10.22 -9.89
N LYS A 209 19.10 10.63 -8.81
CA LYS A 209 19.27 9.97 -7.53
C LYS A 209 18.71 8.53 -7.60
N PRO A 210 19.53 7.52 -7.28
CA PRO A 210 18.97 6.16 -7.28
C PRO A 210 17.80 6.01 -6.32
N THR A 211 16.74 5.33 -6.76
CA THR A 211 15.54 5.16 -5.94
C THR A 211 15.80 4.15 -4.82
N VAL A 212 16.62 3.15 -5.11
CA VAL A 212 17.00 2.16 -4.10
C VAL A 212 18.48 1.79 -4.21
N ASN A 213 19.02 1.32 -3.10
CA ASN A 213 20.28 0.62 -3.08
C ASN A 213 19.95 -0.72 -2.48
N GLN A 214 20.06 -1.78 -3.26
CA GLN A 214 19.70 -3.11 -2.76
C GLN A 214 20.93 -3.81 -2.20
N VAL A 215 20.87 -4.19 -0.92
CA VAL A 215 22.04 -4.72 -0.19
C VAL A 215 21.64 -5.83 0.75
N GLU A 216 22.60 -6.66 1.14
CA GLU A 216 22.36 -7.66 2.16
C GLU A 216 22.18 -7.00 3.52
N THR A 217 21.08 -7.32 4.20
CA THR A 217 20.86 -6.83 5.55
C THR A 217 19.81 -7.63 6.27
N HIS A 218 19.95 -7.67 7.60
CA HIS A 218 19.16 -8.53 8.43
C HIS A 218 19.79 -8.40 9.83
N PRO A 219 19.24 -9.07 10.84
CA PRO A 219 19.81 -8.96 12.19
C PRO A 219 21.30 -9.31 12.33
N HIS A 220 21.84 -10.15 11.45
CA HIS A 220 23.28 -10.45 11.45
C HIS A 220 24.12 -9.41 10.71
N LEU A 221 23.49 -8.49 10.00
CA LEU A 221 24.20 -7.42 9.28
C LEU A 221 23.26 -6.22 9.18
N PRO A 222 23.11 -5.47 10.28
CA PRO A 222 22.10 -4.42 10.38
C PRO A 222 22.37 -3.22 9.46
N GLN A 223 23.64 -3.03 9.09
CA GLN A 223 24.05 -1.96 8.17
C GLN A 223 23.50 -0.57 8.54
N MET A 224 23.74 -0.20 9.79
CA MET A 224 23.21 1.04 10.35
C MET A 224 23.66 2.28 9.60
N GLU A 225 24.96 2.35 9.29
CA GLU A 225 25.53 3.52 8.62
C GLU A 225 24.91 3.76 7.24
N LEU A 226 24.81 2.70 6.44
CA LEU A 226 24.23 2.79 5.10
C LEU A 226 22.76 3.22 5.13
N ARG A 227 22.00 2.66 6.06
CA ARG A 227 20.58 3.00 6.25
C ARG A 227 20.43 4.49 6.52
N LYS A 228 21.17 4.98 7.52
CA LYS A 228 21.24 6.40 7.85
C LYS A 228 21.57 7.25 6.61
N PHE A 229 22.63 6.87 5.90
CA PHE A 229 23.06 7.60 4.71
C PHE A 229 21.94 7.66 3.65
N CYS A 230 21.40 6.50 3.31
CA CYS A 230 20.39 6.45 2.29
C CYS A 230 19.16 7.30 2.70
N PHE A 231 18.76 7.18 3.96
CA PHE A 231 17.67 8.03 4.47
C PHE A 231 17.99 9.51 4.30
N MET A 232 19.24 9.89 4.55
CA MET A 232 19.62 11.29 4.45
C MET A 232 19.59 11.78 3.01
N HIS A 233 19.78 10.87 2.07
CA HIS A 233 19.94 11.26 0.67
C HIS A 233 18.78 10.82 -0.24
N ASP A 234 17.68 10.39 0.38
CA ASP A 234 16.45 10.08 -0.35
C ASP A 234 16.54 8.78 -1.15
N ILE A 235 17.13 7.74 -0.56
CA ILE A 235 17.31 6.45 -1.22
C ILE A 235 16.76 5.40 -0.28
N LEU A 236 15.88 4.54 -0.77
CA LEU A 236 15.40 3.46 0.08
C LEU A 236 16.36 2.28 0.04
N LEU A 237 16.53 1.60 1.17
CA LEU A 237 17.18 0.30 1.13
C LEU A 237 16.20 -0.78 0.71
N THR A 238 16.70 -1.71 -0.09
CA THR A 238 16.06 -3.02 -0.28
C THR A 238 17.01 -4.04 0.34
N ALA A 239 16.47 -4.83 1.25
CA ALA A 239 17.23 -5.88 1.90
C ALA A 239 17.16 -7.18 1.14
N TYR A 240 18.31 -7.65 0.66
CA TYR A 240 18.38 -9.00 0.13
C TYR A 240 18.92 -10.02 1.12
N SER A 241 18.76 -11.29 0.78
CA SER A 241 19.11 -12.41 1.65
C SER A 241 18.66 -12.17 3.10
N PRO A 242 17.39 -11.76 3.33
CA PRO A 242 17.00 -11.39 4.70
C PRO A 242 16.94 -12.56 5.69
N LEU A 243 16.94 -13.78 5.17
CA LEU A 243 16.93 -14.98 6.00
C LEU A 243 18.35 -15.55 6.10
N GLY A 244 19.30 -14.89 5.44
CA GLY A 244 20.70 -15.32 5.45
C GLY A 244 21.04 -16.33 4.37
N SER A 245 20.23 -16.36 3.31
CA SER A 245 20.49 -17.21 2.14
C SER A 245 20.34 -18.70 2.47
N HIS A 246 21.08 -19.56 1.77
CA HIS A 246 20.91 -21.02 1.84
C HIS A 246 20.68 -21.56 3.25
N GLY A 247 19.53 -22.19 3.45
CA GLY A 247 19.20 -22.83 4.73
C GLY A 247 18.62 -21.91 5.78
N ALA A 248 18.40 -20.64 5.40
CA ALA A 248 17.78 -19.63 6.27
C ALA A 248 18.32 -19.65 7.70
N PRO A 249 19.64 -19.44 7.86
CA PRO A 249 20.28 -19.52 9.18
C PRO A 249 19.72 -18.47 10.15
N ASN A 250 19.16 -17.37 9.61
CA ASN A 250 18.65 -16.29 10.47
C ASN A 250 17.38 -16.66 11.26
N LEU A 251 16.74 -17.76 10.88
CA LEU A 251 15.60 -18.27 11.62
C LEU A 251 16.07 -18.90 12.94
N LYS A 252 17.34 -19.33 12.97
CA LYS A 252 17.91 -20.02 14.12
C LYS A 252 18.56 -19.09 15.16
N ILE A 253 18.43 -17.77 14.96
CA ILE A 253 18.83 -16.78 15.98
C ILE A 253 17.79 -16.84 17.12
N PRO A 254 18.25 -17.01 18.39
CA PRO A 254 17.26 -17.13 19.46
C PRO A 254 16.28 -15.95 19.57
N LEU A 255 16.80 -14.73 19.47
CA LEU A 255 16.00 -13.53 19.66
C LEU A 255 14.90 -13.39 18.60
N VAL A 256 15.24 -13.80 17.38
CA VAL A 256 14.25 -13.90 16.29
C VAL A 256 13.14 -14.87 16.69
N LYS A 257 13.51 -16.09 17.08
CA LYS A 257 12.52 -17.08 17.50
C LYS A 257 11.63 -16.54 18.64
N LYS A 258 12.24 -15.72 19.51
CA LYS A 258 11.59 -15.14 20.69
C LYS A 258 10.56 -14.08 20.31
N LEU A 259 10.96 -13.13 19.48
CA LEU A 259 10.04 -12.06 19.06
C LEU A 259 8.92 -12.56 18.15
N ALA A 260 9.24 -13.53 17.30
CA ALA A 260 8.23 -14.23 16.49
C ALA A 260 7.10 -14.77 17.38
N GLU A 261 7.49 -15.40 18.50
CA GLU A 261 6.59 -15.92 19.52
C GLU A 261 5.67 -14.87 20.17
N LYS A 262 6.24 -13.73 20.53
CA LYS A 262 5.49 -12.64 21.19
C LYS A 262 4.36 -12.07 20.32
N TYR A 263 4.70 -11.77 19.06
CA TYR A 263 3.76 -11.16 18.12
C TYR A 263 2.95 -12.19 17.36
N ASN A 264 3.01 -13.45 17.80
CA ASN A 264 2.24 -14.53 17.17
C ASN A 264 2.48 -14.70 15.66
N VAL A 265 3.74 -14.56 15.22
CA VAL A 265 4.09 -14.73 13.81
C VAL A 265 5.17 -15.80 13.61
N THR A 266 5.41 -16.21 12.36
CA THR A 266 6.49 -17.13 12.03
C THR A 266 7.84 -16.42 12.01
N GLY A 267 8.92 -17.19 12.10
CA GLY A 267 10.27 -16.64 11.95
C GLY A 267 10.41 -15.84 10.66
N ASN A 268 9.87 -16.34 9.56
CA ASN A 268 9.92 -15.62 8.29
C ASN A 268 9.28 -14.25 8.43
N ASP A 269 8.06 -14.22 8.98
CA ASP A 269 7.32 -12.97 9.27
C ASP A 269 8.16 -11.96 10.02
N LEU A 270 8.78 -12.41 11.13
CA LEU A 270 9.60 -11.50 11.93
C LEU A 270 10.78 -10.91 11.15
N LEU A 271 11.50 -11.76 10.42
CA LEU A 271 12.65 -11.32 9.63
C LEU A 271 12.23 -10.44 8.43
N ILE A 272 10.96 -10.58 8.04
CA ILE A 272 10.38 -9.68 7.03
C ILE A 272 10.08 -8.34 7.69
N SER A 273 9.45 -8.42 8.86
CA SER A 273 8.95 -7.25 9.57
C SER A 273 10.07 -6.37 10.09
N TYR A 274 11.19 -6.98 10.48
CA TYR A 274 12.39 -6.26 10.89
C TYR A 274 12.78 -5.15 9.88
N HIS A 275 12.68 -5.47 8.59
CA HIS A 275 12.99 -4.50 7.55
C HIS A 275 11.87 -3.50 7.30
N ILE A 276 10.65 -4.01 7.09
CA ILE A 276 9.51 -3.16 6.77
C ILE A 276 9.24 -2.12 7.87
N ARG A 277 9.41 -2.54 9.12
CA ARG A 277 9.30 -1.63 10.26
C ARG A 277 10.25 -0.44 10.18
N GLN A 278 11.49 -0.67 9.75
CA GLN A 278 12.48 0.40 9.61
C GLN A 278 12.37 1.10 8.23
N GLY A 279 11.33 0.80 7.47
CA GLY A 279 11.14 1.43 6.14
C GLY A 279 12.03 0.88 5.06
N THR A 280 12.46 -0.37 5.24
CA THR A 280 13.25 -1.08 4.25
C THR A 280 12.42 -2.08 3.47
N ILE A 281 12.53 -2.02 2.12
CA ILE A 281 11.90 -2.99 1.25
C ILE A 281 12.59 -4.33 1.42
N VAL A 282 11.85 -5.42 1.34
CA VAL A 282 12.46 -6.73 1.59
C VAL A 282 11.98 -7.81 0.62
N ILE A 283 12.93 -8.63 0.16
CA ILE A 283 12.67 -9.63 -0.86
C ILE A 283 13.09 -11.08 -0.51
N PRO A 284 12.44 -11.69 0.52
CA PRO A 284 12.82 -13.08 0.87
C PRO A 284 12.59 -14.02 -0.32
N ARG A 285 13.46 -15.00 -0.47
CA ARG A 285 13.29 -15.95 -1.56
C ARG A 285 12.75 -17.26 -0.99
N SER A 286 11.78 -17.83 -1.71
CA SER A 286 11.34 -19.21 -1.46
C SER A 286 10.79 -19.83 -2.75
N LEU A 287 10.87 -21.16 -2.81
CA LEU A 287 10.27 -21.95 -3.88
C LEU A 287 9.07 -22.72 -3.33
N ASN A 288 8.82 -22.54 -2.04
CA ASN A 288 7.79 -23.28 -1.33
C ASN A 288 6.45 -22.51 -1.29
N PRO A 289 5.45 -22.98 -2.05
CA PRO A 289 4.17 -22.27 -2.16
C PRO A 289 3.47 -22.04 -0.82
N VAL A 290 3.40 -23.04 0.05
CA VAL A 290 2.75 -22.85 1.36
C VAL A 290 3.50 -21.88 2.29
N ARG A 291 4.83 -21.93 2.27
CA ARG A 291 5.69 -21.00 3.02
C ARG A 291 5.49 -19.55 2.55
N ILE A 292 5.53 -19.35 1.23
CA ILE A 292 5.24 -18.04 0.65
C ILE A 292 3.87 -17.50 1.09
N SER A 293 2.84 -18.33 0.94
CA SER A 293 1.45 -18.01 1.26
C SER A 293 1.17 -17.63 2.72
N SER A 294 1.71 -18.40 3.67
CA SER A 294 1.42 -18.15 5.07
C SER A 294 2.16 -16.94 5.64
N SER A 295 3.43 -16.81 5.32
CA SER A 295 4.28 -15.81 5.91
C SER A 295 4.07 -14.37 5.36
N ILE A 296 2.87 -13.85 5.56
CA ILE A 296 2.54 -12.48 5.21
C ILE A 296 2.06 -11.63 6.40
N GLU A 297 2.32 -12.09 7.63
CA GLU A 297 1.98 -11.33 8.83
C GLU A 297 3.02 -10.27 9.19
N PHE A 298 2.55 -9.16 9.76
CA PHE A 298 3.41 -8.08 10.22
C PHE A 298 3.58 -8.09 11.74
N ALA A 299 4.82 -8.12 12.20
CA ALA A 299 5.15 -7.91 13.62
C ALA A 299 5.74 -6.51 13.79
N SER A 300 4.96 -5.62 14.37
CA SER A 300 5.31 -4.21 14.40
C SER A 300 6.24 -3.92 15.56
N LEU A 301 7.52 -4.19 15.33
CA LEU A 301 8.51 -4.20 16.40
C LEU A 301 8.68 -2.83 17.06
N THR A 302 8.83 -2.85 18.38
CA THR A 302 9.14 -1.66 19.16
C THR A 302 10.53 -1.15 18.79
N LYS A 303 10.75 0.13 19.03
CA LYS A 303 12.08 0.74 18.92
C LYS A 303 13.13 -0.07 19.68
N ASP A 304 12.77 -0.44 20.90
CA ASP A 304 13.62 -1.23 21.79
C ASP A 304 13.94 -2.63 21.28
N GLU A 305 12.93 -3.26 20.68
CA GLU A 305 13.12 -4.58 20.08
C GLU A 305 14.05 -4.47 18.87
N LEU A 306 13.80 -3.49 18.00
CA LEU A 306 14.72 -3.15 16.91
C LEU A 306 16.14 -2.92 17.45
N GLN A 307 16.24 -2.09 18.49
CA GLN A 307 17.52 -1.81 19.11
C GLN A 307 18.27 -3.10 19.52
N GLU A 308 17.55 -4.03 20.16
CA GLU A 308 18.09 -5.34 20.52
C GLU A 308 18.57 -6.11 19.29
N LEU A 309 17.70 -6.21 18.29
CA LEU A 309 18.05 -6.89 17.04
C LEU A 309 19.32 -6.30 16.39
N ASN A 310 19.40 -4.97 16.38
CA ASN A 310 20.53 -4.28 15.79
C ASN A 310 21.82 -4.47 16.62
N ASP A 311 21.66 -4.38 17.94
CA ASP A 311 22.76 -4.69 18.85
C ASP A 311 23.40 -6.02 18.51
N PHE A 312 22.55 -7.05 18.35
CA PHE A 312 23.00 -8.41 18.03
C PHE A 312 23.89 -8.47 16.78
N GLY A 313 23.46 -7.82 15.71
CA GLY A 313 24.25 -7.77 14.47
C GLY A 313 25.56 -7.01 14.59
N GLU A 314 25.57 -5.91 15.33
CA GLU A 314 26.83 -5.23 15.70
C GLU A 314 27.77 -6.23 16.35
N LYS A 315 27.24 -6.98 17.31
CA LYS A 315 28.01 -7.91 18.14
C LYS A 315 28.49 -9.12 17.32
N TYR A 316 27.60 -9.69 16.52
CA TYR A 316 27.90 -10.89 15.74
C TYR A 316 27.70 -10.67 14.23
N PRO A 317 28.59 -9.88 13.59
CA PRO A 317 28.37 -9.64 12.15
C PRO A 317 28.63 -10.87 11.29
N VAL A 318 27.68 -11.17 10.41
CA VAL A 318 27.82 -12.20 9.40
C VAL A 318 27.33 -11.66 8.05
N ARG A 319 28.23 -11.59 7.08
CA ARG A 319 27.89 -11.25 5.70
C ARG A 319 27.92 -12.54 4.88
N PHE A 320 26.72 -13.07 4.58
CA PHE A 320 26.58 -14.34 3.88
C PHE A 320 26.91 -14.22 2.40
N ILE A 321 26.73 -13.03 1.85
CA ILE A 321 27.00 -12.80 0.42
C ILE A 321 28.28 -12.00 0.24
N ASP A 322 29.35 -12.73 -0.05
CA ASP A 322 30.70 -12.18 -0.13
C ASP A 322 31.54 -13.14 -0.96
N GLU A 323 31.14 -13.29 -2.22
CA GLU A 323 31.80 -14.19 -3.16
C GLU A 323 33.13 -13.59 -3.60
N PRO A 324 34.05 -14.43 -4.15
CA PRO A 324 35.37 -13.93 -4.52
C PRO A 324 35.37 -12.71 -5.45
N PHE A 325 34.42 -12.66 -6.39
CA PHE A 325 34.41 -11.59 -7.38
C PHE A 325 34.23 -10.20 -6.74
N ALA A 326 33.72 -10.18 -5.51
CA ALA A 326 33.39 -8.92 -4.83
C ALA A 326 34.56 -8.38 -3.99
N ALA A 327 35.61 -9.19 -3.86
CA ALA A 327 36.75 -8.91 -2.97
C ALA A 327 37.40 -7.54 -3.16
N ILE A 328 37.42 -7.05 -4.41
CA ILE A 328 38.02 -5.74 -4.69
C ILE A 328 37.25 -4.53 -4.15
N LEU A 329 36.02 -4.76 -3.70
CA LEU A 329 35.21 -3.70 -3.11
C LEU A 329 35.51 -3.60 -1.61
N PRO A 330 35.61 -2.36 -1.08
CA PRO A 330 36.00 -2.12 0.32
C PRO A 330 35.27 -2.97 1.36
N GLU A 331 33.93 -3.00 1.32
CA GLU A 331 33.18 -3.65 2.39
C GLU A 331 33.22 -5.19 2.32
N PHE A 332 33.64 -5.71 1.17
CA PHE A 332 33.59 -7.15 0.89
C PHE A 332 34.97 -7.80 1.04
N THR A 333 34.99 -9.05 1.46
CA THR A 333 36.27 -9.76 1.66
C THR A 333 36.56 -10.80 0.56
N GLY A 334 35.51 -11.47 0.08
CA GLY A 334 35.66 -12.49 -0.94
C GLY A 334 35.79 -13.86 -0.32
N ASN A 335 35.78 -13.90 1.00
CA ASN A 335 35.96 -15.12 1.76
C ASN A 335 34.67 -15.71 2.27
N GLY A 336 33.55 -15.02 1.99
CA GLY A 336 32.25 -15.49 2.44
C GLY A 336 32.06 -15.30 3.93
N PRO A 337 31.00 -15.89 4.49
CA PRO A 337 30.58 -15.61 5.87
C PRO A 337 31.61 -15.97 6.94
N ASN A 338 31.64 -15.19 8.02
CA ASN A 338 32.35 -15.60 9.21
C ASN A 338 31.47 -16.60 9.96
N LEU A 339 31.73 -17.89 9.71
CA LEU A 339 30.97 -18.98 10.29
C LEU A 339 30.93 -18.93 11.82
N ASP A 340 32.03 -18.46 12.42
CA ASP A 340 32.19 -18.38 13.88
C ASP A 340 31.10 -17.56 14.58
N ASN A 341 30.57 -16.54 13.88
CA ASN A 341 29.55 -15.66 14.46
C ASN A 341 28.12 -16.22 14.45
N LEU A 342 27.97 -17.47 14.00
CA LEU A 342 26.68 -18.15 14.00
C LEU A 342 26.43 -18.94 15.27
N MET B 15 10.05 7.85 10.62
CA MET B 15 10.89 6.92 11.44
C MET B 15 10.48 5.44 11.28
N LEU B 16 9.43 5.04 12.01
CA LEU B 16 8.91 3.68 11.96
C LEU B 16 7.80 3.56 10.94
N HIS B 17 7.70 2.39 10.32
CA HIS B 17 6.73 2.12 9.24
C HIS B 17 5.94 0.83 9.56
N PRO B 18 4.79 0.60 8.88
CA PRO B 18 4.21 1.52 7.92
C PRO B 18 3.67 2.76 8.60
N LYS B 19 3.61 3.87 7.85
CA LYS B 19 2.72 4.96 8.19
C LYS B 19 1.34 4.51 7.75
N THR B 20 0.27 5.08 8.33
CA THR B 20 -1.09 4.65 7.93
C THR B 20 -1.41 5.06 6.46
N THR B 21 -0.64 6.01 5.94
CA THR B 21 -0.65 6.43 4.54
C THR B 21 -0.03 5.38 3.62
N GLU B 22 0.66 4.41 4.22
CA GLU B 22 1.36 3.41 3.45
C GLU B 22 0.63 2.07 3.33
N ILE B 23 -0.62 2.05 3.75
CA ILE B 23 -1.36 0.77 3.78
C ILE B 23 -2.51 0.78 2.83
N TYR B 24 -2.61 -0.33 2.09
CA TYR B 24 -3.55 -0.48 1.01
C TYR B 24 -4.31 -1.77 1.16
N PHE B 25 -5.64 -1.70 1.11
CA PHE B 25 -6.46 -2.93 1.16
C PHE B 25 -6.99 -3.22 -0.22
N SER B 26 -7.45 -4.44 -0.46
CA SER B 26 -7.89 -4.84 -1.79
C SER B 26 -9.39 -5.02 -1.77
N LEU B 27 -10.07 -4.37 -2.72
CA LEU B 27 -11.52 -4.53 -2.92
C LEU B 27 -11.82 -5.81 -3.67
N ASN B 28 -13.08 -6.24 -3.66
CA ASN B 28 -13.43 -7.55 -4.20
C ASN B 28 -13.37 -7.61 -5.74
N ASN B 29 -13.14 -6.46 -6.39
CA ASN B 29 -12.89 -6.47 -7.84
C ASN B 29 -11.40 -6.31 -8.17
N GLY B 30 -10.53 -6.50 -7.16
CA GLY B 30 -9.06 -6.41 -7.37
C GLY B 30 -8.43 -5.01 -7.35
N VAL B 31 -9.25 -3.98 -7.28
CA VAL B 31 -8.77 -2.58 -7.11
C VAL B 31 -8.26 -2.32 -5.70
N ARG B 32 -7.07 -1.71 -5.57
CA ARG B 32 -6.57 -1.34 -4.23
C ARG B 32 -7.05 0.03 -3.77
N ILE B 33 -7.33 0.15 -2.48
CA ILE B 33 -7.80 1.38 -1.86
C ILE B 33 -6.86 1.71 -0.70
N PRO B 34 -6.43 2.99 -0.57
CA PRO B 34 -5.63 3.30 0.60
C PRO B 34 -6.46 3.15 1.86
N ALA B 35 -5.89 2.51 2.89
CA ALA B 35 -6.65 2.25 4.11
C ALA B 35 -7.07 3.54 4.81
N LEU B 36 -6.28 4.59 4.63
CA LEU B 36 -6.51 5.85 5.34
C LEU B 36 -6.99 6.88 4.33
N GLY B 37 -8.15 7.49 4.60
CA GLY B 37 -8.63 8.58 3.74
C GLY B 37 -8.96 9.85 4.51
N LEU B 38 -9.00 10.96 3.78
CA LEU B 38 -9.42 12.22 4.37
C LEU B 38 -10.93 12.39 4.20
N GLY B 39 -11.62 12.60 5.32
CA GLY B 39 -13.06 12.87 5.29
C GLY B 39 -13.30 14.36 5.03
N THR B 40 -14.37 14.68 4.29
CA THR B 40 -14.60 16.07 3.88
C THR B 40 -16.03 16.60 4.12
N ALA B 41 -16.74 16.00 5.08
CA ALA B 41 -18.08 16.49 5.48
C ALA B 41 -17.92 17.68 6.44
N ASN B 42 -17.42 18.78 5.90
CA ASN B 42 -17.06 19.93 6.73
C ASN B 42 -18.23 20.90 6.92
N PRO B 43 -18.24 21.64 8.05
CA PRO B 43 -19.35 22.60 8.29
C PRO B 43 -19.56 23.55 7.12
N HIS B 44 -20.83 23.86 6.86
CA HIS B 44 -21.25 24.77 5.78
C HIS B 44 -20.50 26.11 5.86
N GLU B 45 -20.14 26.50 7.08
CA GLU B 45 -19.39 27.72 7.34
C GLU B 45 -17.93 27.67 6.87
N LYS B 46 -17.41 26.45 6.70
CA LYS B 46 -15.99 26.23 6.42
C LYS B 46 -15.71 25.43 5.13
N LEU B 47 -16.73 25.28 4.28
CA LEU B 47 -16.61 24.53 3.02
C LEU B 47 -15.33 24.86 2.24
N ALA B 48 -14.95 26.13 2.19
CA ALA B 48 -13.78 26.58 1.45
C ALA B 48 -12.45 26.06 2.03
N GLU B 49 -12.38 25.91 3.35
CA GLU B 49 -11.16 25.45 4.03
C GLU B 49 -10.80 23.99 3.68
N THR B 50 -11.73 23.26 3.07
CA THR B 50 -11.50 21.88 2.62
C THR B 50 -10.32 21.80 1.66
N LYS B 51 -10.18 22.83 0.82
CA LYS B 51 -9.16 22.89 -0.20
C LYS B 51 -7.77 22.75 0.41
N GLN B 52 -7.46 23.59 1.39
CA GLN B 52 -6.17 23.52 2.06
C GLN B 52 -5.94 22.20 2.81
N ALA B 53 -7.03 21.64 3.38
CA ALA B 53 -6.96 20.39 4.13
C ALA B 53 -6.64 19.21 3.23
N VAL B 54 -7.23 19.18 2.04
CA VAL B 54 -6.95 18.15 1.04
C VAL B 54 -5.51 18.30 0.54
N LYS B 55 -5.08 19.52 0.23
CA LYS B 55 -3.71 19.75 -0.21
C LYS B 55 -2.71 19.28 0.84
N ALA B 56 -2.96 19.62 2.10
CA ALA B 56 -2.12 19.21 3.20
C ALA B 56 -2.12 17.69 3.41
N ALA B 57 -3.28 17.05 3.24
CA ALA B 57 -3.37 15.59 3.37
C ALA B 57 -2.49 14.90 2.34
N ILE B 58 -2.60 15.34 1.10
CA ILE B 58 -1.88 14.70 0.02
C ILE B 58 -0.37 14.92 0.13
N LYS B 59 0.04 16.12 0.55
CA LYS B 59 1.47 16.37 0.69
C LYS B 59 2.03 15.52 1.83
N ALA B 60 1.19 15.22 2.81
CA ALA B 60 1.60 14.39 3.96
C ALA B 60 1.60 12.92 3.58
N GLY B 61 1.03 12.59 2.41
CA GLY B 61 1.03 11.21 1.90
C GLY B 61 -0.32 10.50 1.77
N TYR B 62 -1.43 11.18 2.08
CA TYR B 62 -2.74 10.56 1.92
C TYR B 62 -2.95 10.41 0.43
N ARG B 63 -3.60 9.31 0.04
CA ARG B 63 -3.84 9.05 -1.38
C ARG B 63 -5.30 8.71 -1.61
N HIS B 64 -6.09 8.98 -0.58
CA HIS B 64 -7.52 8.68 -0.57
C HIS B 64 -8.27 9.89 0.00
N ILE B 65 -9.22 10.41 -0.78
CA ILE B 65 -10.12 11.48 -0.33
C ILE B 65 -11.54 10.97 -0.40
N ASP B 66 -12.29 11.16 0.69
CA ASP B 66 -13.70 10.79 0.71
C ASP B 66 -14.59 12.01 0.67
N THR B 67 -15.49 12.06 -0.31
CA THR B 67 -16.41 13.20 -0.40
C THR B 67 -17.84 12.73 -0.76
N ALA B 68 -18.75 13.67 -1.02
CA ALA B 68 -20.11 13.31 -1.40
C ALA B 68 -20.79 14.45 -2.13
N TRP B 69 -21.77 14.10 -2.95
CA TRP B 69 -22.67 15.09 -3.57
C TRP B 69 -23.28 16.01 -2.53
N ALA B 70 -23.74 15.45 -1.40
CA ALA B 70 -24.40 16.24 -0.36
C ALA B 70 -23.53 17.13 0.54
N TYR B 71 -22.21 16.96 0.51
CA TYR B 71 -21.33 17.71 1.43
C TYR B 71 -21.12 19.15 1.05
N GLU B 72 -21.26 19.42 -0.25
CA GLU B 72 -20.96 20.72 -0.84
C GLU B 72 -19.46 21.03 -0.88
N THR B 73 -18.63 20.00 -0.68
CA THR B 73 -17.17 20.19 -0.64
C THR B 73 -16.45 19.69 -1.87
N GLU B 74 -17.17 18.94 -2.73
CA GLU B 74 -16.61 18.50 -4.02
C GLU B 74 -15.85 19.58 -4.80
N PRO B 75 -16.40 20.82 -4.96
CA PRO B 75 -15.66 21.80 -5.76
C PRO B 75 -14.29 22.15 -5.16
N PHE B 76 -14.21 22.09 -3.84
CA PHE B 76 -13.01 22.44 -3.09
C PHE B 76 -11.98 21.31 -3.08
N VAL B 77 -12.50 20.09 -3.08
CA VAL B 77 -11.66 18.92 -3.27
C VAL B 77 -11.07 18.97 -4.69
N GLY B 78 -11.93 19.28 -5.65
CA GLY B 78 -11.51 19.37 -7.06
C GLY B 78 -10.43 20.41 -7.30
N GLU B 79 -10.56 21.57 -6.64
CA GLU B 79 -9.63 22.69 -6.80
C GLU B 79 -8.27 22.33 -6.17
N ALA B 80 -8.31 21.68 -5.01
CA ALA B 80 -7.09 21.18 -4.39
C ALA B 80 -6.35 20.21 -5.31
N ILE B 81 -7.07 19.20 -5.80
CA ILE B 81 -6.50 18.22 -6.73
C ILE B 81 -5.93 18.91 -7.99
N LYS B 82 -6.71 19.80 -8.59
CA LYS B 82 -6.29 20.52 -9.79
C LYS B 82 -4.94 21.24 -9.58
N GLU B 83 -4.80 21.91 -8.44
CA GLU B 83 -3.56 22.60 -8.10
C GLU B 83 -2.36 21.67 -7.90
N LEU B 84 -2.58 20.49 -7.31
CA LEU B 84 -1.48 19.53 -7.13
C LEU B 84 -1.14 18.82 -8.44
N LEU B 85 -2.15 18.62 -9.28
CA LEU B 85 -1.91 18.12 -10.62
C LEU B 85 -1.08 19.13 -11.40
N GLU B 86 -1.48 20.40 -11.33
CA GLU B 86 -0.79 21.45 -12.11
C GLU B 86 0.66 21.68 -11.71
N ASP B 87 0.96 21.66 -10.41
CA ASP B 87 2.33 21.93 -9.98
C ASP B 87 3.20 20.64 -9.96
N GLY B 88 2.58 19.54 -10.35
CA GLY B 88 3.26 18.27 -10.49
C GLY B 88 3.53 17.53 -9.18
N SER B 89 2.80 17.84 -8.10
CA SER B 89 2.99 17.14 -6.81
C SER B 89 2.34 15.74 -6.83
N ILE B 90 1.34 15.56 -7.68
CA ILE B 90 0.59 14.30 -7.75
C ILE B 90 0.11 14.04 -9.17
N LYS B 91 -0.10 12.77 -9.50
CA LYS B 91 -0.87 12.41 -10.68
C LYS B 91 -2.22 11.84 -10.28
N ARG B 92 -3.17 11.92 -11.22
CA ARG B 92 -4.54 11.47 -10.95
C ARG B 92 -4.59 9.99 -10.63
N GLU B 93 -3.83 9.19 -11.38
CA GLU B 93 -3.78 7.74 -11.15
C GLU B 93 -3.19 7.39 -9.75
N ASP B 94 -2.56 8.35 -9.08
CA ASP B 94 -2.00 8.13 -7.70
C ASP B 94 -3.07 8.22 -6.61
N LEU B 95 -4.20 8.84 -6.96
CA LEU B 95 -5.25 9.15 -6.02
C LEU B 95 -6.46 8.22 -6.14
N PHE B 96 -7.13 8.06 -5.01
CA PHE B 96 -8.37 7.32 -4.91
C PHE B 96 -9.46 8.29 -4.43
N ILE B 97 -10.43 8.55 -5.29
CA ILE B 97 -11.52 9.47 -4.94
C ILE B 97 -12.86 8.77 -4.83
N THR B 98 -13.51 8.94 -3.67
CA THR B 98 -14.83 8.39 -3.39
C THR B 98 -15.86 9.52 -3.35
N THR B 99 -17.01 9.29 -3.97
CA THR B 99 -18.14 10.18 -3.73
C THR B 99 -19.41 9.37 -3.65
N LYS B 100 -20.52 10.06 -3.37
CA LYS B 100 -21.75 9.37 -3.08
C LYS B 100 -22.98 10.01 -3.74
N VAL B 101 -23.99 9.17 -3.97
CA VAL B 101 -25.31 9.59 -4.41
C VAL B 101 -26.25 9.76 -3.20
N TRP B 102 -26.77 10.98 -3.02
CA TRP B 102 -27.67 11.35 -1.91
C TRP B 102 -29.12 10.90 -2.20
N PRO B 103 -29.91 10.57 -1.15
CA PRO B 103 -31.30 10.10 -1.36
C PRO B 103 -32.25 10.97 -2.19
N VAL B 104 -31.96 12.27 -2.33
CA VAL B 104 -32.82 13.10 -3.19
C VAL B 104 -32.70 12.70 -4.68
N LEU B 105 -31.55 12.12 -5.06
CA LEU B 105 -31.32 11.65 -6.43
C LEU B 105 -31.26 10.11 -6.54
N TRP B 106 -32.01 9.45 -5.66
CA TRP B 106 -32.03 8.00 -5.52
C TRP B 106 -32.33 7.31 -6.87
N ASP B 107 -33.11 7.97 -7.71
CA ASP B 107 -33.50 7.40 -8.99
C ASP B 107 -32.87 8.11 -10.18
N GLU B 108 -31.88 8.98 -9.88
CA GLU B 108 -31.13 9.72 -10.89
C GLU B 108 -29.62 9.68 -10.57
N VAL B 109 -29.05 8.49 -10.72
CA VAL B 109 -27.65 8.23 -10.40
C VAL B 109 -26.74 8.83 -11.47
N ASP B 110 -27.08 8.61 -12.74
CA ASP B 110 -26.35 9.23 -13.86
C ASP B 110 -26.17 10.74 -13.62
N ARG B 111 -27.28 11.42 -13.33
CA ARG B 111 -27.27 12.85 -13.03
C ARG B 111 -26.36 13.19 -11.83
N SER B 112 -26.53 12.47 -10.71
CA SER B 112 -25.71 12.71 -9.52
C SER B 112 -24.20 12.53 -9.81
N LEU B 113 -23.85 11.47 -10.54
CA LEU B 113 -22.46 11.21 -10.90
C LEU B 113 -21.88 12.33 -11.73
N ASN B 114 -22.64 12.72 -12.77
CA ASN B 114 -22.19 13.77 -13.67
C ASN B 114 -22.08 15.10 -12.94
N GLU B 115 -22.94 15.31 -11.95
CA GLU B 115 -22.88 16.57 -11.18
C GLU B 115 -21.66 16.58 -10.31
N SER B 116 -21.39 15.44 -9.66
CA SER B 116 -20.20 15.23 -8.87
C SER B 116 -18.91 15.37 -9.68
N LEU B 117 -18.90 14.80 -10.89
CA LEU B 117 -17.74 14.87 -11.79
C LEU B 117 -17.45 16.33 -12.18
N LYS B 118 -18.49 17.08 -12.52
CA LYS B 118 -18.37 18.51 -12.85
C LYS B 118 -17.83 19.30 -11.66
N ALA B 119 -18.41 19.08 -10.48
CA ALA B 119 -17.95 19.76 -9.28
C ALA B 119 -16.49 19.42 -8.99
N LEU B 120 -16.13 18.15 -9.15
CA LEU B 120 -14.78 17.70 -8.86
C LEU B 120 -13.75 18.06 -9.92
N GLY B 121 -14.21 18.41 -11.11
CA GLY B 121 -13.31 18.69 -12.23
C GLY B 121 -12.56 17.45 -12.67
N LEU B 122 -13.25 16.30 -12.63
CA LEU B 122 -12.65 14.99 -12.86
C LEU B 122 -13.42 14.21 -13.90
N GLU B 123 -12.71 13.29 -14.57
CA GLU B 123 -13.23 12.43 -15.62
C GLU B 123 -13.86 11.15 -15.06
N TYR B 124 -13.39 10.76 -13.88
CA TYR B 124 -13.87 9.56 -13.21
C TYR B 124 -13.63 9.70 -11.73
N VAL B 125 -14.35 8.88 -10.95
CA VAL B 125 -14.06 8.67 -9.52
C VAL B 125 -13.69 7.21 -9.29
N ASP B 126 -13.00 6.95 -8.20
CA ASP B 126 -12.57 5.58 -8.00
C ASP B 126 -13.69 4.75 -7.40
N LEU B 127 -14.48 5.36 -6.54
CA LEU B 127 -15.53 4.66 -5.82
C LEU B 127 -16.77 5.52 -5.80
N LEU B 128 -17.91 4.96 -6.21
CA LEU B 128 -19.17 5.64 -6.08
C LEU B 128 -20.12 4.83 -5.19
N LEU B 129 -20.65 5.50 -4.16
CA LEU B 129 -21.44 4.84 -3.12
C LEU B 129 -22.87 5.33 -3.11
N GLN B 130 -23.80 4.41 -2.84
CA GLN B 130 -25.12 4.82 -2.41
C GLN B 130 -25.00 5.32 -0.97
N HIS B 131 -25.31 6.60 -0.74
CA HIS B 131 -25.09 7.25 0.57
C HIS B 131 -25.98 6.69 1.69
N TRP B 132 -27.26 6.47 1.39
CA TRP B 132 -28.21 5.92 2.36
C TRP B 132 -29.17 4.97 1.66
N PRO B 133 -29.65 3.92 2.37
CA PRO B 133 -30.72 3.07 1.83
C PRO B 133 -32.09 3.79 1.88
N LEU B 134 -32.14 5.00 1.32
CA LEU B 134 -33.30 5.91 1.48
C LEU B 134 -33.64 6.62 0.18
N CYS B 135 -34.91 7.01 0.02
CA CYS B 135 -35.33 7.81 -1.12
C CYS B 135 -36.05 9.06 -0.61
N PHE B 136 -35.57 10.24 -1.01
CA PHE B 136 -36.21 11.52 -0.67
C PHE B 136 -37.02 12.10 -1.84
N GLU B 137 -38.12 12.77 -1.50
CA GLU B 137 -38.84 13.62 -2.42
C GLU B 137 -37.96 14.76 -2.89
N LYS B 138 -38.15 15.18 -4.13
CA LYS B 138 -37.39 16.29 -4.71
C LYS B 138 -38.16 17.60 -4.50
N ILE B 139 -37.63 18.44 -3.60
CA ILE B 139 -38.25 19.72 -3.29
C ILE B 139 -37.33 20.83 -3.77
N LYS B 140 -37.85 21.70 -4.62
CA LYS B 140 -37.05 22.80 -5.18
C LYS B 140 -36.70 23.85 -4.14
N ASP B 141 -35.43 24.28 -4.21
CA ASP B 141 -34.91 25.39 -3.44
C ASP B 141 -33.73 25.92 -4.29
N PRO B 142 -33.83 27.17 -4.78
CA PRO B 142 -32.69 27.66 -5.58
C PRO B 142 -31.37 27.75 -4.82
N LYS B 143 -31.45 27.89 -3.49
CA LYS B 143 -30.23 27.99 -2.68
C LYS B 143 -29.77 26.64 -2.12
N GLY B 144 -30.46 25.57 -2.52
CA GLY B 144 -30.06 24.21 -2.16
C GLY B 144 -29.04 23.63 -3.11
N ILE B 145 -28.69 22.37 -2.91
CA ILE B 145 -27.68 21.71 -3.75
C ILE B 145 -28.36 21.30 -5.04
N SER B 146 -27.84 21.83 -6.15
CA SER B 146 -28.39 21.56 -7.49
C SER B 146 -29.90 21.91 -7.58
N GLY B 147 -30.29 22.97 -6.89
CA GLY B 147 -31.66 23.46 -6.93
C GLY B 147 -32.65 22.67 -6.08
N LEU B 148 -32.15 21.84 -5.17
CA LEU B 148 -33.00 20.95 -4.39
C LEU B 148 -32.74 21.07 -2.90
N VAL B 149 -33.77 20.83 -2.10
CA VAL B 149 -33.63 20.71 -0.66
C VAL B 149 -32.85 19.41 -0.36
N LYS B 150 -31.86 19.51 0.52
CA LYS B 150 -30.99 18.38 0.87
C LYS B 150 -31.82 17.32 1.62
N THR B 151 -32.42 17.74 2.73
CA THR B 151 -33.19 16.84 3.58
C THR B 151 -34.58 17.43 3.86
N PRO B 152 -35.53 17.17 2.96
CA PRO B 152 -36.87 17.76 3.03
C PRO B 152 -37.69 17.27 4.22
N VAL B 153 -38.20 18.22 5.00
CA VAL B 153 -39.14 17.94 6.08
C VAL B 153 -40.43 18.70 5.87
N ASP B 154 -41.58 18.09 6.16
CA ASP B 154 -42.87 18.79 6.01
C ASP B 154 -43.19 19.71 7.20
N ASP B 155 -44.37 20.33 7.15
CA ASP B 155 -44.82 21.27 8.18
C ASP B 155 -44.85 20.66 9.60
N SER B 156 -45.17 19.37 9.68
CA SER B 156 -45.15 18.62 10.94
C SER B 156 -43.73 18.41 11.44
N GLY B 157 -42.75 18.50 10.52
CA GLY B 157 -41.34 18.32 10.85
C GLY B 157 -40.86 16.91 10.52
N LYS B 158 -41.67 16.18 9.76
CA LYS B 158 -41.34 14.81 9.36
C LYS B 158 -40.64 14.79 8.01
N THR B 159 -39.65 13.90 7.89
CA THR B 159 -38.87 13.73 6.66
C THR B 159 -39.77 13.29 5.50
N MET B 160 -39.63 13.96 4.36
CA MET B 160 -40.43 13.62 3.16
C MET B 160 -39.75 12.54 2.30
N TYR B 161 -40.09 11.28 2.59
CA TYR B 161 -39.58 10.16 1.80
C TYR B 161 -40.39 10.02 0.52
N ALA B 162 -39.74 9.55 -0.54
CA ALA B 162 -40.46 9.25 -1.76
C ALA B 162 -41.28 7.98 -1.52
N ALA B 163 -42.60 8.11 -1.44
CA ALA B 163 -43.39 6.90 -1.27
C ALA B 163 -43.36 6.15 -2.61
N ASP B 164 -43.44 4.83 -2.52
CA ASP B 164 -43.15 3.95 -3.67
C ASP B 164 -41.75 4.07 -4.31
N GLY B 165 -40.80 4.62 -3.56
CA GLY B 165 -39.40 4.58 -3.98
C GLY B 165 -38.69 3.40 -3.33
N ASP B 166 -37.98 2.60 -4.12
CA ASP B 166 -37.20 1.49 -3.56
C ASP B 166 -35.72 1.85 -3.54
N TYR B 167 -35.14 1.84 -2.35
CA TYR B 167 -33.75 2.25 -2.17
C TYR B 167 -32.78 1.45 -3.04
N LEU B 168 -33.16 0.21 -3.36
CA LEU B 168 -32.32 -0.65 -4.17
C LEU B 168 -32.30 -0.23 -5.64
N GLU B 169 -33.22 0.66 -6.04
CA GLU B 169 -33.19 1.22 -7.40
C GLU B 169 -31.88 1.98 -7.62
N THR B 170 -31.45 2.69 -6.57
CA THR B 170 -30.19 3.43 -6.58
C THR B 170 -29.03 2.50 -6.92
N TYR B 171 -28.90 1.41 -6.16
CA TYR B 171 -27.83 0.45 -6.43
C TYR B 171 -27.94 -0.18 -7.82
N LYS B 172 -29.15 -0.43 -8.31
CA LYS B 172 -29.28 -0.96 -9.68
C LYS B 172 -28.72 -0.01 -10.73
N GLN B 173 -28.91 1.27 -10.49
CA GLN B 173 -28.41 2.31 -11.39
C GLN B 173 -26.90 2.43 -11.29
N LEU B 174 -26.36 2.18 -10.10
CA LEU B 174 -24.91 2.08 -9.90
C LEU B 174 -24.32 0.93 -10.71
N GLU B 175 -24.96 -0.24 -10.68
CA GLU B 175 -24.45 -1.41 -11.39
C GLU B 175 -24.40 -1.20 -12.91
N LYS B 176 -25.46 -0.61 -13.45
CA LYS B 176 -25.52 -0.34 -14.87
C LYS B 176 -24.29 0.44 -15.34
N ILE B 177 -23.98 1.52 -14.65
CA ILE B 177 -22.84 2.36 -14.98
C ILE B 177 -21.53 1.62 -14.78
N TYR B 178 -21.43 0.89 -13.67
CA TYR B 178 -20.24 0.12 -13.35
C TYR B 178 -19.96 -0.99 -14.35
N LEU B 179 -21.01 -1.61 -14.89
CA LEU B 179 -20.85 -2.71 -15.85
C LEU B 179 -20.85 -2.29 -17.33
N ASP B 180 -21.23 -1.05 -17.62
CA ASP B 180 -21.20 -0.56 -19.01
C ASP B 180 -19.72 -0.48 -19.46
N PRO B 181 -19.34 -1.31 -20.47
CA PRO B 181 -17.92 -1.40 -20.83
C PRO B 181 -17.38 -0.20 -21.58
N ASN B 182 -18.26 0.68 -22.08
CA ASN B 182 -17.84 1.89 -22.77
C ASN B 182 -17.94 3.13 -21.87
N ASP B 183 -18.18 2.88 -20.58
CA ASP B 183 -18.38 3.92 -19.56
C ASP B 183 -17.25 3.77 -18.55
N HIS B 184 -16.44 4.81 -18.42
CA HIS B 184 -15.27 4.73 -17.58
C HIS B 184 -15.30 5.68 -16.39
N ARG B 185 -16.49 6.12 -15.98
CA ARG B 185 -16.66 7.13 -14.92
C ARG B 185 -16.43 6.62 -13.48
N VAL B 186 -16.45 5.31 -13.31
CA VAL B 186 -16.29 4.72 -11.97
C VAL B 186 -15.34 3.52 -12.05
N ARG B 187 -14.69 3.18 -10.95
CA ARG B 187 -13.80 2.04 -10.90
C ARG B 187 -14.32 1.00 -9.91
N ALA B 188 -15.30 1.40 -9.10
CA ALA B 188 -15.87 0.53 -8.06
C ALA B 188 -17.18 1.16 -7.57
N ILE B 189 -18.11 0.33 -7.12
CA ILE B 189 -19.33 0.82 -6.47
C ILE B 189 -19.47 0.21 -5.06
N GLY B 190 -20.19 0.89 -4.20
CA GLY B 190 -20.47 0.41 -2.85
C GLY B 190 -21.71 1.06 -2.28
N VAL B 191 -21.88 0.89 -0.97
CA VAL B 191 -23.03 1.42 -0.27
C VAL B 191 -22.56 2.01 1.03
N SER B 192 -23.47 2.69 1.72
CA SER B 192 -23.16 3.27 3.00
C SER B 192 -24.42 3.17 3.85
N ASN B 193 -24.24 2.95 5.16
CA ASN B 193 -25.34 2.86 6.12
C ASN B 193 -26.31 1.71 5.84
N PHE B 194 -25.81 0.62 5.28
CA PHE B 194 -26.61 -0.58 5.13
C PHE B 194 -26.46 -1.51 6.34
N SER B 195 -27.59 -2.02 6.81
CA SER B 195 -27.62 -3.08 7.85
C SER B 195 -27.33 -4.43 7.21
N ILE B 196 -27.16 -5.45 8.03
CA ILE B 196 -27.06 -6.82 7.50
C ILE B 196 -28.29 -7.19 6.65
N GLU B 197 -29.49 -6.87 7.13
CA GLU B 197 -30.72 -7.20 6.42
C GLU B 197 -30.78 -6.56 5.04
N TYR B 198 -30.38 -5.29 4.97
CA TYR B 198 -30.35 -4.58 3.72
C TYR B 198 -29.29 -5.15 2.76
N LEU B 199 -28.11 -5.50 3.28
CA LEU B 199 -27.08 -6.13 2.45
C LEU B 199 -27.54 -7.49 1.89
N GLU B 200 -28.25 -8.24 2.74
CA GLU B 200 -28.77 -9.53 2.34
C GLU B 200 -29.75 -9.39 1.18
N ARG B 201 -30.67 -8.43 1.29
CA ARG B 201 -31.62 -8.19 0.22
C ARG B 201 -30.89 -7.80 -1.06
N LEU B 202 -29.89 -6.93 -0.92
CA LEU B 202 -29.07 -6.51 -2.07
C LEU B 202 -28.40 -7.69 -2.78
N ILE B 203 -27.77 -8.54 -1.97
CA ILE B 203 -27.07 -9.71 -2.49
C ILE B 203 -28.02 -10.71 -3.19
N LYS B 204 -29.24 -10.85 -2.66
CA LYS B 204 -30.25 -11.72 -3.28
C LYS B 204 -30.76 -11.19 -4.61
N GLU B 205 -30.94 -9.87 -4.69
CA GLU B 205 -31.66 -9.25 -5.79
C GLU B 205 -30.75 -8.57 -6.82
N CYS B 206 -29.52 -8.31 -6.45
CA CYS B 206 -28.62 -7.60 -7.35
C CYS B 206 -27.56 -8.52 -7.90
N ARG B 207 -26.55 -7.93 -8.53
CA ARG B 207 -25.56 -8.71 -9.24
C ARG B 207 -24.15 -8.42 -8.77
N VAL B 208 -23.84 -7.12 -8.64
CA VAL B 208 -22.50 -6.69 -8.25
C VAL B 208 -22.44 -6.65 -6.73
N LYS B 209 -21.50 -7.39 -6.15
CA LYS B 209 -21.26 -7.29 -4.72
C LYS B 209 -20.62 -5.94 -4.38
N PRO B 210 -21.21 -5.19 -3.43
CA PRO B 210 -20.63 -3.91 -3.05
C PRO B 210 -19.20 -4.09 -2.55
N THR B 211 -18.28 -3.22 -2.98
CA THR B 211 -16.88 -3.33 -2.56
C THR B 211 -16.74 -2.88 -1.10
N VAL B 212 -17.58 -1.93 -0.70
CA VAL B 212 -17.53 -1.41 0.68
C VAL B 212 -18.95 -1.16 1.21
N ASN B 213 -19.07 -1.19 2.52
CA ASN B 213 -20.23 -0.65 3.20
C ASN B 213 -19.67 0.36 4.17
N GLN B 214 -19.91 1.64 3.92
CA GLN B 214 -19.36 2.69 4.79
C GLN B 214 -20.33 3.01 5.95
N VAL B 215 -19.88 2.83 7.19
CA VAL B 215 -20.74 2.97 8.38
C VAL B 215 -20.00 3.64 9.51
N GLU B 216 -20.75 4.19 10.46
CA GLU B 216 -20.15 4.70 11.67
C GLU B 216 -19.61 3.54 12.51
N THR B 217 -18.34 3.62 12.89
CA THR B 217 -17.77 2.62 13.79
C THR B 217 -16.49 3.14 14.40
N HIS B 218 -16.18 2.63 15.59
CA HIS B 218 -15.11 3.12 16.43
C HIS B 218 -15.30 2.39 17.78
N PRO B 219 -14.44 2.66 18.77
CA PRO B 219 -14.61 1.96 20.06
C PRO B 219 -15.95 2.17 20.79
N HIS B 220 -16.67 3.24 20.49
CA HIS B 220 -17.99 3.43 21.09
C HIS B 220 -19.09 2.74 20.29
N LEU B 221 -18.73 2.20 19.12
CA LEU B 221 -19.68 1.48 18.26
C LEU B 221 -18.90 0.47 17.40
N PRO B 222 -18.47 -0.64 18.01
CA PRO B 222 -17.58 -1.62 17.40
C PRO B 222 -18.19 -2.34 16.19
N GLN B 223 -19.52 -2.46 16.17
CA GLN B 223 -20.24 -3.05 15.05
C GLN B 223 -19.68 -4.42 14.62
N MET B 224 -19.51 -5.27 15.62
CA MET B 224 -18.95 -6.61 15.46
C MET B 224 -19.70 -7.49 14.49
N GLU B 225 -21.04 -7.42 14.54
CA GLU B 225 -21.86 -8.29 13.72
C GLU B 225 -21.75 -7.94 12.22
N LEU B 226 -21.85 -6.65 11.92
CA LEU B 226 -21.70 -6.16 10.55
C LEU B 226 -20.31 -6.48 9.97
N ARG B 227 -19.26 -6.19 10.72
CA ARG B 227 -17.88 -6.54 10.37
C ARG B 227 -17.78 -8.01 9.95
N LYS B 228 -18.25 -8.89 10.83
CA LYS B 228 -18.31 -10.34 10.55
C LYS B 228 -19.05 -10.66 9.26
N PHE B 229 -20.25 -10.09 9.10
CA PHE B 229 -21.03 -10.31 7.89
C PHE B 229 -20.30 -9.86 6.62
N CYS B 230 -19.75 -8.65 6.63
CA CYS B 230 -19.12 -8.14 5.41
C CYS B 230 -17.88 -8.99 5.05
N PHE B 231 -17.11 -9.38 6.07
CA PHE B 231 -15.97 -10.26 5.85
C PHE B 231 -16.40 -11.58 5.23
N MET B 232 -17.52 -12.14 5.70
CA MET B 232 -18.01 -13.41 5.17
C MET B 232 -18.49 -13.24 3.73
N HIS B 233 -18.85 -12.02 3.35
CA HIS B 233 -19.47 -11.79 2.06
C HIS B 233 -18.63 -10.95 1.09
N ASP B 234 -17.35 -10.74 1.44
CA ASP B 234 -16.40 -10.11 0.52
C ASP B 234 -16.64 -8.60 0.37
N ILE B 235 -17.02 -7.94 1.46
CA ILE B 235 -17.29 -6.49 1.47
C ILE B 235 -16.37 -5.91 2.53
N LEU B 236 -15.63 -4.86 2.20
CA LEU B 236 -14.86 -4.18 3.22
C LEU B 236 -15.72 -3.14 3.93
N LEU B 237 -15.51 -2.97 5.23
CA LEU B 237 -16.02 -1.82 5.93
C LEU B 237 -15.12 -0.62 5.76
N THR B 238 -15.76 0.54 5.59
CA THR B 238 -15.12 1.83 5.75
C THR B 238 -15.78 2.45 6.97
N ALA B 239 -14.94 2.88 7.92
CA ALA B 239 -15.41 3.49 9.14
C ALA B 239 -15.50 5.00 9.00
N TYR B 240 -16.71 5.54 9.12
CA TYR B 240 -16.87 6.98 9.20
C TYR B 240 -17.07 7.47 10.62
N SER B 241 -16.92 8.78 10.80
CA SER B 241 -16.91 9.41 12.12
C SER B 241 -16.05 8.66 13.16
N PRO B 242 -14.81 8.27 12.80
CA PRO B 242 -14.06 7.39 13.72
C PRO B 242 -13.62 8.06 15.03
N LEU B 243 -13.63 9.38 15.07
CA LEU B 243 -13.32 10.13 16.30
C LEU B 243 -14.59 10.54 17.05
N GLY B 244 -15.75 10.14 16.53
CA GLY B 244 -17.03 10.45 17.18
C GLY B 244 -17.63 11.75 16.72
N SER B 245 -17.14 12.26 15.58
CA SER B 245 -17.70 13.44 14.94
C SER B 245 -17.43 14.71 15.76
N HIS B 246 -18.33 15.68 15.70
CA HIS B 246 -18.14 17.03 16.30
C HIS B 246 -17.46 17.01 17.67
N GLY B 247 -16.26 17.57 17.72
CA GLY B 247 -15.52 17.71 18.98
C GLY B 247 -14.67 16.52 19.33
N ALA B 248 -14.66 15.50 18.45
CA ALA B 248 -13.86 14.28 18.60
C ALA B 248 -13.88 13.70 20.02
N PRO B 249 -15.09 13.34 20.51
CA PRO B 249 -15.23 12.83 21.88
C PRO B 249 -14.45 11.53 22.12
N ASN B 250 -14.19 10.76 21.06
CA ASN B 250 -13.53 9.46 21.19
C ASN B 250 -12.08 9.54 21.69
N LEU B 251 -11.44 10.70 21.55
CA LEU B 251 -10.10 10.92 22.10
C LEU B 251 -10.12 10.95 23.63
N LYS B 252 -11.28 11.26 24.21
CA LYS B 252 -11.41 11.40 25.67
C LYS B 252 -11.65 10.07 26.40
N ILE B 253 -11.87 8.99 25.66
CA ILE B 253 -11.98 7.64 26.24
C ILE B 253 -10.66 7.27 26.94
N PRO B 254 -10.72 6.86 28.23
CA PRO B 254 -9.44 6.66 28.93
C PRO B 254 -8.52 5.62 28.27
N LEU B 255 -9.06 4.46 27.91
CA LEU B 255 -8.27 3.37 27.32
C LEU B 255 -7.63 3.75 25.98
N VAL B 256 -8.31 4.61 25.22
CA VAL B 256 -7.75 5.18 24.00
C VAL B 256 -6.52 6.02 24.34
N LYS B 257 -6.63 6.85 25.38
CA LYS B 257 -5.49 7.66 25.81
C LYS B 257 -4.34 6.78 26.32
N LYS B 258 -4.71 5.67 26.98
CA LYS B 258 -3.76 4.70 27.50
C LYS B 258 -2.99 3.99 26.40
N LEU B 259 -3.71 3.47 25.41
CA LEU B 259 -3.06 2.71 24.34
C LEU B 259 -2.20 3.60 23.43
N ALA B 260 -2.67 4.82 23.20
CA ALA B 260 -1.87 5.82 22.48
C ALA B 260 -0.51 6.02 23.15
N GLU B 261 -0.54 6.18 24.47
CA GLU B 261 0.67 6.28 25.30
C GLU B 261 1.66 5.13 25.11
N LYS B 262 1.16 3.90 25.25
CA LYS B 262 1.97 2.68 25.12
C LYS B 262 2.69 2.57 23.78
N TYR B 263 1.93 2.77 22.71
CA TYR B 263 2.48 2.64 21.37
C TYR B 263 3.09 3.94 20.89
N ASN B 264 3.12 4.93 21.78
CA ASN B 264 3.79 6.20 21.53
C ASN B 264 3.24 6.92 20.28
N VAL B 265 1.92 6.96 20.15
CA VAL B 265 1.25 7.70 19.07
C VAL B 265 0.23 8.66 19.69
N THR B 266 -0.37 9.50 18.87
CA THR B 266 -1.43 10.43 19.32
C THR B 266 -2.75 9.69 19.37
N GLY B 267 -3.75 10.29 20.00
CA GLY B 267 -5.10 9.71 20.03
C GLY B 267 -5.70 9.48 18.64
N ASN B 268 -5.46 10.41 17.72
CA ASN B 268 -5.94 10.24 16.36
C ASN B 268 -5.39 8.99 15.75
N ASP B 269 -4.06 8.84 15.82
CA ASP B 269 -3.33 7.65 15.36
C ASP B 269 -3.99 6.38 15.87
N LEU B 270 -4.27 6.34 17.18
CA LEU B 270 -4.85 5.14 17.78
C LEU B 270 -6.26 4.84 17.27
N LEU B 271 -7.11 5.85 17.20
CA LEU B 271 -8.46 5.68 16.68
C LEU B 271 -8.47 5.38 15.18
N ILE B 272 -7.36 5.69 14.52
CA ILE B 272 -7.16 5.31 13.11
C ILE B 272 -6.72 3.85 13.08
N SER B 273 -5.73 3.53 13.91
CA SER B 273 -5.13 2.20 13.96
C SER B 273 -6.12 1.11 14.36
N TYR B 274 -7.08 1.47 15.20
CA TYR B 274 -8.15 0.57 15.62
C TYR B 274 -8.87 -0.08 14.42
N HIS B 275 -9.19 0.74 13.42
CA HIS B 275 -9.82 0.25 12.19
C HIS B 275 -8.86 -0.49 11.25
N ILE B 276 -7.73 0.12 10.94
CA ILE B 276 -6.79 -0.44 9.96
C ILE B 276 -6.30 -1.83 10.40
N ARG B 277 -6.05 -1.98 11.70
CA ARG B 277 -5.66 -3.25 12.28
C ARG B 277 -6.68 -4.37 12.04
N GLN B 278 -7.96 -4.02 12.02
CA GLN B 278 -9.04 -4.99 11.79
C GLN B 278 -9.42 -5.09 10.31
N GLY B 279 -8.61 -4.47 9.44
CA GLY B 279 -8.88 -4.50 7.97
C GLY B 279 -10.02 -3.62 7.56
N THR B 280 -10.25 -2.57 8.34
CA THR B 280 -11.30 -1.60 8.05
C THR B 280 -10.69 -0.33 7.54
N ILE B 281 -11.19 0.16 6.40
CA ILE B 281 -10.78 1.43 5.86
C ILE B 281 -11.32 2.52 6.76
N VAL B 282 -10.55 3.60 6.93
CA VAL B 282 -10.96 4.67 7.81
C VAL B 282 -10.70 6.09 7.26
N ILE B 283 -11.67 6.97 7.49
CA ILE B 283 -11.66 8.30 6.93
C ILE B 283 -11.86 9.44 7.97
N PRO B 284 -10.86 9.68 8.85
CA PRO B 284 -11.06 10.76 9.82
C PRO B 284 -11.13 12.11 9.11
N ARG B 285 -11.92 13.02 9.67
CA ARG B 285 -12.05 14.34 9.11
C ARG B 285 -11.29 15.35 9.96
N SER B 286 -10.58 16.24 9.28
CA SER B 286 -10.00 17.43 9.90
C SER B 286 -9.83 18.53 8.87
N LEU B 287 -9.78 19.76 9.36
CA LEU B 287 -9.49 20.94 8.55
C LEU B 287 -8.16 21.53 9.00
N ASN B 288 -7.51 20.84 9.93
CA ASN B 288 -6.30 21.30 10.57
C ASN B 288 -5.06 20.68 9.91
N PRO B 289 -4.29 21.50 9.17
CA PRO B 289 -3.14 20.98 8.40
C PRO B 289 -2.08 20.27 9.22
N VAL B 290 -1.71 20.80 10.39
CA VAL B 290 -0.69 20.13 11.22
C VAL B 290 -1.20 18.83 11.87
N ARG B 291 -2.48 18.79 12.22
CA ARG B 291 -3.13 17.61 12.78
C ARG B 291 -3.16 16.46 11.77
N ILE B 292 -3.59 16.77 10.54
CA ILE B 292 -3.58 15.82 9.42
C ILE B 292 -2.18 15.25 9.17
N SER B 293 -1.20 16.16 9.06
CA SER B 293 0.19 15.83 8.76
C SER B 293 0.89 14.96 9.81
N SER B 294 0.68 15.22 11.10
CA SER B 294 1.35 14.42 12.13
C SER B 294 0.70 13.05 12.37
N SER B 295 -0.62 13.00 12.33
CA SER B 295 -1.33 11.80 12.71
C SER B 295 -1.34 10.69 11.64
N ILE B 296 -0.15 10.28 11.20
CA ILE B 296 -0.01 9.20 10.23
C ILE B 296 0.70 7.95 10.77
N GLU B 297 0.85 7.85 12.09
CA GLU B 297 1.51 6.70 12.70
C GLU B 297 0.54 5.53 12.94
N PHE B 298 1.09 4.33 12.96
CA PHE B 298 0.32 3.11 13.15
C PHE B 298 0.63 2.44 14.50
N ALA B 299 -0.42 2.19 15.26
CA ALA B 299 -0.31 1.43 16.52
C ALA B 299 -0.88 0.04 16.27
N SER B 300 -0.01 -0.95 16.20
CA SER B 300 -0.43 -2.27 15.77
C SER B 300 -0.98 -3.05 16.94
N LEU B 301 -2.26 -2.82 17.22
CA LEU B 301 -2.89 -3.32 18.43
C LEU B 301 -2.93 -4.85 18.48
N THR B 302 -2.64 -5.39 19.68
CA THR B 302 -2.77 -6.82 19.94
C THR B 302 -4.25 -7.22 19.79
N LYS B 303 -4.45 -8.49 19.50
CA LYS B 303 -5.77 -9.13 19.52
C LYS B 303 -6.52 -8.81 20.84
N ASP B 304 -5.77 -8.85 21.94
CA ASP B 304 -6.33 -8.56 23.26
C ASP B 304 -6.74 -7.11 23.47
N GLU B 305 -5.92 -6.19 22.98
CA GLU B 305 -6.21 -4.78 23.11
C GLU B 305 -7.43 -4.42 22.27
N LEU B 306 -7.52 -5.01 21.07
CA LEU B 306 -8.73 -4.93 20.26
C LEU B 306 -9.94 -5.43 21.06
N GLN B 307 -9.79 -6.61 21.65
CA GLN B 307 -10.83 -7.19 22.50
C GLN B 307 -11.32 -6.21 23.59
N GLU B 308 -10.38 -5.60 24.32
CA GLU B 308 -10.70 -4.57 25.31
C GLU B 308 -11.50 -3.41 24.72
N LEU B 309 -11.02 -2.87 23.60
CA LEU B 309 -11.69 -1.76 22.95
C LEU B 309 -13.12 -2.13 22.50
N ASN B 310 -13.25 -3.32 21.94
CA ASN B 310 -14.55 -3.83 21.52
C ASN B 310 -15.49 -4.07 22.72
N ASP B 311 -14.92 -4.64 23.78
CA ASP B 311 -15.67 -4.80 25.04
C ASP B 311 -16.32 -3.48 25.44
N PHE B 312 -15.51 -2.42 25.46
CA PHE B 312 -15.94 -1.08 25.89
C PHE B 312 -17.14 -0.55 25.09
N GLY B 313 -17.12 -0.71 23.78
CA GLY B 313 -18.22 -0.25 22.94
C GLY B 313 -19.50 -1.06 23.10
N GLU B 314 -19.36 -2.38 23.25
CA GLU B 314 -20.50 -3.25 23.53
C GLU B 314 -21.15 -2.83 24.84
N LYS B 315 -20.32 -2.43 25.79
CA LYS B 315 -20.76 -2.00 27.12
C LYS B 315 -21.34 -0.58 27.08
N TYR B 316 -20.72 0.31 26.30
CA TYR B 316 -21.14 1.72 26.25
C TYR B 316 -21.43 2.20 24.82
N PRO B 317 -22.50 1.69 24.20
CA PRO B 317 -22.76 2.08 22.81
C PRO B 317 -23.21 3.52 22.69
N VAL B 318 -22.54 4.25 21.80
CA VAL B 318 -22.97 5.58 21.40
C VAL B 318 -22.94 5.64 19.87
N ARG B 319 -24.10 5.93 19.26
CA ARG B 319 -24.19 6.17 17.83
C ARG B 319 -24.37 7.68 17.60
N PHE B 320 -23.29 8.32 17.14
CA PHE B 320 -23.21 9.78 17.05
C PHE B 320 -23.96 10.28 15.83
N ILE B 321 -24.01 9.45 14.79
CA ILE B 321 -24.69 9.81 13.56
C ILE B 321 -26.03 9.05 13.49
N ASP B 322 -27.09 9.77 13.84
CA ASP B 322 -28.42 9.20 13.99
C ASP B 322 -29.44 10.33 13.91
N GLU B 323 -29.48 10.99 12.76
CA GLU B 323 -30.35 12.14 12.56
C GLU B 323 -31.78 11.71 12.25
N PRO B 324 -32.76 12.61 12.50
CA PRO B 324 -34.16 12.25 12.30
C PRO B 324 -34.46 11.53 10.98
N PHE B 325 -33.85 11.95 9.87
CA PHE B 325 -34.20 11.36 8.57
C PHE B 325 -33.95 9.85 8.53
N ALA B 326 -33.08 9.39 9.42
CA ALA B 326 -32.64 7.99 9.45
C ALA B 326 -33.57 7.10 10.28
N ALA B 327 -34.50 7.71 10.99
CA ALA B 327 -35.33 7.02 12.00
C ALA B 327 -36.08 5.80 11.48
N ILE B 328 -36.50 5.82 10.22
CA ILE B 328 -37.26 4.70 9.63
C ILE B 328 -36.43 3.43 9.40
N LEU B 329 -35.11 3.56 9.44
CA LEU B 329 -34.22 2.42 9.34
C LEU B 329 -34.11 1.76 10.71
N PRO B 330 -34.40 0.47 10.80
CA PRO B 330 -34.46 -0.25 12.09
C PRO B 330 -33.22 -0.13 13.00
N GLU B 331 -32.02 0.03 12.41
CA GLU B 331 -30.81 0.21 13.21
C GLU B 331 -30.69 1.61 13.86
N PHE B 332 -31.42 2.57 13.32
CA PHE B 332 -31.30 3.97 13.72
C PHE B 332 -32.50 4.45 14.53
N THR B 333 -32.29 5.42 15.41
CA THR B 333 -33.34 5.95 16.27
C THR B 333 -33.90 7.31 15.81
N GLY B 334 -33.00 8.16 15.32
CA GLY B 334 -33.37 9.51 14.89
C GLY B 334 -33.16 10.48 16.03
N ASN B 335 -32.80 9.93 17.19
CA ASN B 335 -32.69 10.69 18.42
C ASN B 335 -31.29 11.16 18.71
N GLY B 336 -30.36 10.88 17.80
CA GLY B 336 -28.97 11.25 18.00
C GLY B 336 -28.34 10.40 19.09
N PRO B 337 -27.14 10.80 19.55
CA PRO B 337 -26.34 9.99 20.46
C PRO B 337 -26.91 9.86 21.88
N ASN B 338 -26.74 8.67 22.46
CA ASN B 338 -27.01 8.50 23.88
C ASN B 338 -25.89 9.15 24.69
N LEU B 339 -26.15 10.38 25.14
CA LEU B 339 -25.20 11.19 25.93
C LEU B 339 -24.71 10.46 27.18
N ASP B 340 -25.59 9.69 27.80
CA ASP B 340 -25.33 8.93 29.04
C ASP B 340 -24.10 8.03 28.99
N ASN B 341 -23.80 7.46 27.82
CA ASN B 341 -22.70 6.50 27.68
C ASN B 341 -21.30 7.11 27.49
N LEU B 342 -21.19 8.42 27.66
CA LEU B 342 -19.90 9.12 27.54
C LEU B 342 -19.21 9.31 28.90
#